data_2EQ4
#
_entry.id   2EQ4
#
loop_
_entity.id
_entity.type
_entity.pdbx_description
1 polymer 'Zinc finger protein 224'
2 non-polymer 'ZINC ION'
#
_entity_poly.entity_id   1
_entity_poly.type   'polypeptide(L)'
_entity_poly.pdbx_seq_one_letter_code
;GSSGSSGTGEKLYNCKECGKSFSRAPCLLKHERLHSGEKPSGPSSG
;
_entity_poly.pdbx_strand_id   A
#
loop_
_chem_comp.id
_chem_comp.type
_chem_comp.name
_chem_comp.formula
ZN non-polymer 'ZINC ION' 'Zn 2'
#
# COMPACT_ATOMS: atom_id res chain seq x y z
N GLY A 1 -23.52 6.95 6.27
CA GLY A 1 -24.06 7.82 5.25
C GLY A 1 -23.39 9.19 5.24
N SER A 2 -22.18 9.25 5.79
CA SER A 2 -21.44 10.51 5.85
C SER A 2 -20.24 10.47 4.91
N SER A 3 -20.50 10.15 3.64
CA SER A 3 -19.43 10.08 2.64
C SER A 3 -19.03 11.48 2.17
N GLY A 4 -17.75 11.79 2.32
CA GLY A 4 -17.25 13.10 1.91
C GLY A 4 -15.76 13.23 2.09
N SER A 5 -15.01 13.04 1.02
CA SER A 5 -13.56 13.13 1.07
C SER A 5 -13.08 14.46 0.49
N SER A 6 -12.50 15.30 1.35
CA SER A 6 -12.01 16.61 0.93
C SER A 6 -10.61 16.49 0.33
N GLY A 7 -10.52 16.69 -0.99
CA GLY A 7 -9.24 16.60 -1.67
C GLY A 7 -9.38 16.14 -3.11
N THR A 8 -8.26 15.71 -3.70
CA THR A 8 -8.27 15.26 -5.09
C THR A 8 -7.85 13.79 -5.18
N GLY A 9 -6.97 13.37 -4.26
CA GLY A 9 -6.50 12.00 -4.25
C GLY A 9 -7.11 11.18 -3.13
N GLU A 10 -8.11 10.38 -3.47
CA GLU A 10 -8.79 9.53 -2.48
C GLU A 10 -7.99 8.27 -2.22
N LYS A 11 -6.94 8.38 -1.41
CA LYS A 11 -6.10 7.24 -1.07
C LYS A 11 -5.73 7.26 0.41
N LEU A 12 -5.70 6.08 1.02
CA LEU A 12 -5.36 5.96 2.43
C LEU A 12 -4.13 5.08 2.63
N TYR A 13 -3.03 5.69 3.04
CA TYR A 13 -1.78 4.97 3.26
C TYR A 13 -1.92 4.01 4.44
N ASN A 14 -1.63 2.74 4.19
CA ASN A 14 -1.72 1.72 5.23
C ASN A 14 -1.14 0.39 4.75
N CYS A 15 -0.19 -0.15 5.49
CA CYS A 15 0.45 -1.41 5.14
C CYS A 15 -0.48 -2.59 5.43
N LYS A 16 -0.71 -3.42 4.42
CA LYS A 16 -1.58 -4.58 4.57
C LYS A 16 -0.75 -5.85 4.73
N GLU A 17 0.46 -5.84 4.20
CA GLU A 17 1.35 -7.00 4.29
C GLU A 17 1.51 -7.44 5.74
N CYS A 18 2.16 -6.59 6.54
CA CYS A 18 2.38 -6.90 7.95
C CYS A 18 1.25 -6.36 8.81
N GLY A 19 0.60 -5.31 8.33
CA GLY A 19 -0.50 -4.71 9.07
C GLY A 19 -0.03 -3.73 10.13
N LYS A 20 0.51 -2.60 9.69
CA LYS A 20 1.00 -1.59 10.61
C LYS A 20 0.73 -0.19 10.08
N SER A 21 0.23 0.69 10.94
CA SER A 21 -0.08 2.06 10.56
C SER A 21 0.94 3.03 11.11
N PHE A 22 1.88 3.46 10.25
CA PHE A 22 2.92 4.40 10.67
C PHE A 22 2.34 5.77 10.95
N SER A 23 3.12 6.62 11.61
CA SER A 23 2.68 7.96 11.95
C SER A 23 2.96 8.92 10.81
N ARG A 24 4.04 8.67 10.07
CA ARG A 24 4.41 9.53 8.95
C ARG A 24 3.95 8.91 7.63
N ALA A 25 3.18 9.66 6.87
CA ALA A 25 2.67 9.19 5.59
C ALA A 25 3.82 8.85 4.64
N PRO A 26 4.72 9.81 4.42
CA PRO A 26 5.88 9.63 3.54
C PRO A 26 6.63 8.34 3.82
N CYS A 27 6.88 8.07 5.11
CA CYS A 27 7.58 6.86 5.50
C CYS A 27 6.73 5.63 5.28
N LEU A 28 5.43 5.78 5.48
CA LEU A 28 4.50 4.66 5.30
C LEU A 28 4.48 4.20 3.85
N LEU A 29 4.36 5.15 2.94
CA LEU A 29 4.32 4.85 1.51
C LEU A 29 5.56 4.05 1.10
N LYS A 30 6.71 4.42 1.65
CA LYS A 30 7.96 3.74 1.35
C LYS A 30 8.02 2.39 2.03
N HIS A 31 7.41 2.30 3.21
CA HIS A 31 7.40 1.04 3.97
C HIS A 31 6.66 -0.05 3.21
N GLU A 32 5.60 0.34 2.50
CA GLU A 32 4.81 -0.61 1.73
C GLU A 32 5.64 -1.23 0.62
N ARG A 33 6.61 -0.47 0.12
CA ARG A 33 7.48 -0.93 -0.96
C ARG A 33 8.58 -1.85 -0.41
N LEU A 34 8.93 -1.65 0.85
CA LEU A 34 9.97 -2.45 1.49
C LEU A 34 9.56 -3.92 1.53
N HIS A 35 8.26 -4.17 1.56
CA HIS A 35 7.74 -5.53 1.60
C HIS A 35 7.85 -6.21 0.24
N SER A 36 9.07 -6.60 -0.12
CA SER A 36 9.31 -7.25 -1.41
C SER A 36 9.57 -8.74 -1.23
N GLY A 37 8.50 -9.49 -0.95
CA GLY A 37 8.63 -10.92 -0.76
C GLY A 37 9.53 -11.27 0.41
N GLU A 38 10.45 -12.20 0.19
CA GLU A 38 11.37 -12.63 1.24
C GLU A 38 12.78 -12.85 0.67
N LYS A 39 13.79 -12.44 1.42
CA LYS A 39 15.17 -12.60 1.00
C LYS A 39 15.42 -11.88 -0.32
N PRO A 40 15.47 -10.54 -0.27
CA PRO A 40 15.69 -9.71 -1.46
C PRO A 40 17.12 -9.85 -1.99
N SER A 41 17.35 -10.84 -2.84
CA SER A 41 18.66 -11.07 -3.41
C SER A 41 18.84 -10.29 -4.72
N GLY A 42 19.44 -9.10 -4.60
CA GLY A 42 19.66 -8.27 -5.77
C GLY A 42 20.48 -8.96 -6.83
N PRO A 43 20.75 -8.25 -7.93
CA PRO A 43 21.55 -8.79 -9.05
C PRO A 43 23.02 -8.95 -8.69
N SER A 44 23.51 -8.07 -7.81
CA SER A 44 24.90 -8.12 -7.38
C SER A 44 25.84 -8.12 -8.59
N SER A 45 25.64 -7.15 -9.49
CA SER A 45 26.46 -7.05 -10.68
C SER A 45 27.78 -6.34 -10.38
N GLY A 46 28.70 -6.36 -11.34
CA GLY A 46 29.98 -5.72 -11.15
C GLY A 46 31.10 -6.70 -10.89
ZN ZN B . 4.63 -3.38 6.73
N GLY A 1 -20.66 1.09 -23.24
CA GLY A 1 -20.29 2.48 -23.49
C GLY A 1 -19.06 2.89 -22.69
N SER A 2 -18.88 4.20 -22.54
CA SER A 2 -17.74 4.73 -21.80
C SER A 2 -17.83 4.38 -20.32
N SER A 3 -16.71 3.93 -19.75
CA SER A 3 -16.67 3.55 -18.35
C SER A 3 -15.37 4.03 -17.70
N GLY A 4 -15.41 4.18 -16.38
CA GLY A 4 -14.23 4.63 -15.66
C GLY A 4 -13.38 3.47 -15.16
N SER A 5 -12.65 3.71 -14.08
CA SER A 5 -11.77 2.68 -13.50
C SER A 5 -11.77 2.76 -11.99
N SER A 6 -11.22 1.73 -11.35
CA SER A 6 -11.16 1.67 -9.89
C SER A 6 -9.77 2.05 -9.40
N GLY A 7 -9.67 3.19 -8.73
CA GLY A 7 -8.40 3.66 -8.22
C GLY A 7 -8.41 5.14 -7.88
N THR A 8 -8.26 5.98 -8.90
CA THR A 8 -8.24 7.42 -8.71
C THR A 8 -9.48 7.88 -7.95
N GLY A 9 -9.35 8.98 -7.21
CA GLY A 9 -10.47 9.51 -6.45
C GLY A 9 -10.29 9.31 -4.95
N GLU A 10 -9.72 8.19 -4.56
CA GLU A 10 -9.50 7.89 -3.15
C GLU A 10 -8.14 7.21 -2.94
N LYS A 11 -7.58 7.36 -1.75
CA LYS A 11 -6.29 6.76 -1.43
C LYS A 11 -5.99 6.90 0.06
N LEU A 12 -5.64 5.79 0.69
CA LEU A 12 -5.31 5.79 2.12
C LEU A 12 -4.09 4.93 2.40
N TYR A 13 -3.01 5.58 2.84
CA TYR A 13 -1.77 4.88 3.14
C TYR A 13 -1.95 3.94 4.33
N ASN A 14 -1.68 2.65 4.11
CA ASN A 14 -1.82 1.65 5.15
C ASN A 14 -1.27 0.30 4.70
N CYS A 15 -0.27 -0.20 5.40
CA CYS A 15 0.34 -1.48 5.07
C CYS A 15 -0.58 -2.63 5.43
N LYS A 16 -0.72 -3.59 4.51
CA LYS A 16 -1.57 -4.75 4.73
C LYS A 16 -0.74 -6.00 4.93
N GLU A 17 0.46 -6.01 4.35
CA GLU A 17 1.35 -7.17 4.46
C GLU A 17 1.59 -7.53 5.92
N CYS A 18 1.99 -6.55 6.71
CA CYS A 18 2.25 -6.77 8.13
C CYS A 18 1.13 -6.17 8.99
N GLY A 19 0.44 -5.17 8.45
CA GLY A 19 -0.64 -4.54 9.18
C GLY A 19 -0.15 -3.55 10.22
N LYS A 20 0.56 -2.52 9.76
CA LYS A 20 1.10 -1.50 10.66
C LYS A 20 0.87 -0.10 10.08
N SER A 21 0.20 0.74 10.85
CA SER A 21 -0.08 2.11 10.42
C SER A 21 0.95 3.07 10.96
N PHE A 22 1.98 3.35 10.16
CA PHE A 22 3.05 4.26 10.56
C PHE A 22 2.49 5.64 10.85
N SER A 23 3.22 6.40 11.67
CA SER A 23 2.79 7.75 12.04
C SER A 23 2.95 8.71 10.87
N ARG A 24 4.13 8.70 10.25
CA ARG A 24 4.42 9.56 9.13
C ARG A 24 3.92 8.94 7.82
N ALA A 25 3.30 9.77 6.97
CA ALA A 25 2.78 9.30 5.70
C ALA A 25 3.91 8.96 4.73
N PRO A 26 4.80 9.93 4.50
CA PRO A 26 5.94 9.75 3.60
C PRO A 26 6.69 8.45 3.87
N CYS A 27 6.85 8.12 5.13
CA CYS A 27 7.56 6.90 5.53
C CYS A 27 6.71 5.66 5.23
N LEU A 28 5.42 5.74 5.55
CA LEU A 28 4.51 4.63 5.31
C LEU A 28 4.52 4.21 3.85
N LEU A 29 4.38 5.20 2.97
CA LEU A 29 4.38 4.93 1.53
C LEU A 29 5.61 4.13 1.11
N LYS A 30 6.73 4.38 1.79
CA LYS A 30 7.98 3.70 1.50
C LYS A 30 7.98 2.30 2.12
N HIS A 31 7.43 2.20 3.33
CA HIS A 31 7.38 0.91 4.03
C HIS A 31 6.66 -0.13 3.19
N GLU A 32 5.59 0.29 2.52
CA GLU A 32 4.81 -0.62 1.68
C GLU A 32 5.67 -1.20 0.57
N ARG A 33 6.52 -0.36 -0.02
CA ARG A 33 7.40 -0.79 -1.09
C ARG A 33 8.47 -1.75 -0.58
N LEU A 34 8.98 -1.48 0.62
CA LEU A 34 10.00 -2.33 1.21
C LEU A 34 9.53 -3.78 1.30
N HIS A 35 8.23 -3.97 1.48
CA HIS A 35 7.66 -5.30 1.56
C HIS A 35 7.76 -6.03 0.23
N SER A 36 8.38 -7.21 0.25
CA SER A 36 8.56 -7.99 -0.96
C SER A 36 9.19 -7.16 -2.07
N GLY A 37 10.06 -6.25 -1.69
CA GLY A 37 10.73 -5.39 -2.66
C GLY A 37 11.52 -6.19 -3.67
N GLU A 38 12.00 -7.35 -3.27
CA GLU A 38 12.79 -8.21 -4.16
C GLU A 38 12.05 -9.50 -4.46
N LYS A 39 11.93 -9.83 -5.74
CA LYS A 39 11.25 -11.04 -6.16
C LYS A 39 9.81 -11.06 -5.66
N PRO A 40 8.97 -10.17 -6.21
CA PRO A 40 7.56 -10.07 -5.83
C PRO A 40 6.75 -11.26 -6.30
N SER A 41 7.07 -11.77 -7.48
CA SER A 41 6.37 -12.92 -8.04
C SER A 41 7.02 -14.22 -7.62
N GLY A 42 8.28 -14.41 -8.05
CA GLY A 42 9.00 -15.61 -7.70
C GLY A 42 10.26 -15.80 -8.54
N PRO A 43 10.91 -16.96 -8.40
CA PRO A 43 12.13 -17.28 -9.13
C PRO A 43 11.87 -17.51 -10.62
N SER A 44 11.79 -16.41 -11.38
CA SER A 44 11.53 -16.48 -12.80
C SER A 44 12.75 -16.01 -13.59
N SER A 45 13.14 -16.80 -14.59
CA SER A 45 14.29 -16.46 -15.42
C SER A 45 13.86 -15.68 -16.66
N GLY A 46 14.63 -14.64 -16.99
CA GLY A 46 14.31 -13.82 -18.15
C GLY A 46 15.10 -14.21 -19.38
ZN ZN B . 4.53 -3.52 6.53
N GLY A 1 -31.28 -0.60 5.10
CA GLY A 1 -30.19 0.07 5.78
C GLY A 1 -28.93 0.13 4.92
N SER A 2 -29.11 0.48 3.65
CA SER A 2 -27.98 0.57 2.72
C SER A 2 -27.11 1.78 3.05
N SER A 3 -25.88 1.50 3.49
CA SER A 3 -24.93 2.56 3.85
C SER A 3 -24.07 2.94 2.65
N GLY A 4 -23.60 4.18 2.64
CA GLY A 4 -22.76 4.65 1.55
C GLY A 4 -21.29 4.37 1.79
N SER A 5 -20.46 4.70 0.80
CA SER A 5 -19.02 4.48 0.90
C SER A 5 -18.28 5.81 0.97
N SER A 6 -16.95 5.73 0.98
CA SER A 6 -16.12 6.92 1.04
C SER A 6 -15.67 7.35 -0.36
N GLY A 7 -15.92 8.61 -0.69
CA GLY A 7 -15.53 9.13 -1.99
C GLY A 7 -15.04 10.56 -1.93
N THR A 8 -14.38 10.91 -0.84
CA THR A 8 -13.86 12.26 -0.66
C THR A 8 -12.33 12.26 -0.59
N GLY A 9 -11.69 12.13 -1.74
CA GLY A 9 -10.24 12.11 -1.79
C GLY A 9 -9.68 10.71 -1.88
N GLU A 10 -8.61 10.54 -2.66
CA GLU A 10 -7.98 9.23 -2.83
C GLU A 10 -6.70 9.14 -2.00
N LYS A 11 -6.83 9.36 -0.70
CA LYS A 11 -5.68 9.30 0.19
C LYS A 11 -5.87 8.19 1.24
N LEU A 12 -5.17 7.08 1.04
CA LEU A 12 -5.26 5.96 1.96
C LEU A 12 -3.92 5.24 2.08
N TYR A 13 -3.25 5.42 3.21
CA TYR A 13 -1.96 4.80 3.45
C TYR A 13 -2.03 3.84 4.64
N ASN A 14 -1.74 2.57 4.37
CA ASN A 14 -1.77 1.56 5.42
C ASN A 14 -1.15 0.25 4.92
N CYS A 15 -0.15 -0.24 5.64
CA CYS A 15 0.52 -1.48 5.28
C CYS A 15 -0.36 -2.69 5.58
N LYS A 16 -0.93 -3.27 4.54
CA LYS A 16 -1.79 -4.44 4.69
C LYS A 16 -0.98 -5.72 4.72
N GLU A 17 0.21 -5.69 4.12
CA GLU A 17 1.08 -6.84 4.09
C GLU A 17 1.31 -7.40 5.50
N CYS A 18 2.06 -6.64 6.30
CA CYS A 18 2.36 -7.05 7.67
C CYS A 18 1.26 -6.58 8.62
N GLY A 19 0.58 -5.49 8.25
CA GLY A 19 -0.48 -4.96 9.09
C GLY A 19 0.03 -3.97 10.11
N LYS A 20 0.57 -2.85 9.63
CA LYS A 20 1.09 -1.82 10.52
C LYS A 20 0.75 -0.43 9.99
N SER A 21 0.55 0.51 10.91
CA SER A 21 0.22 1.88 10.53
C SER A 21 1.22 2.87 11.12
N PHE A 22 2.04 3.45 10.26
CA PHE A 22 3.05 4.41 10.71
C PHE A 22 2.43 5.78 10.93
N SER A 23 3.24 6.71 11.43
CA SER A 23 2.77 8.07 11.70
C SER A 23 2.92 8.96 10.47
N ARG A 24 4.15 9.05 9.97
CA ARG A 24 4.43 9.86 8.79
C ARG A 24 3.99 9.16 7.52
N ALA A 25 3.26 9.86 6.67
CA ALA A 25 2.78 9.31 5.41
C ALA A 25 3.94 8.92 4.51
N PRO A 26 4.83 9.88 4.22
CA PRO A 26 6.00 9.66 3.37
C PRO A 26 6.76 8.39 3.75
N CYS A 27 6.73 8.05 5.03
CA CYS A 27 7.42 6.87 5.52
C CYS A 27 6.57 5.62 5.30
N LEU A 28 5.29 5.73 5.59
CA LEU A 28 4.37 4.61 5.44
C LEU A 28 4.33 4.13 3.99
N LEU A 29 4.10 5.08 3.07
CA LEU A 29 4.05 4.76 1.64
C LEU A 29 5.31 4.01 1.20
N LYS A 30 6.43 4.35 1.81
CA LYS A 30 7.70 3.71 1.47
C LYS A 30 7.80 2.33 2.14
N HIS A 31 7.36 2.25 3.39
CA HIS A 31 7.39 0.99 4.13
C HIS A 31 6.62 -0.09 3.39
N GLU A 32 5.57 0.30 2.68
CA GLU A 32 4.75 -0.64 1.94
C GLU A 32 5.55 -1.26 0.79
N ARG A 33 6.52 -0.51 0.27
CA ARG A 33 7.35 -0.97 -0.83
C ARG A 33 8.50 -1.83 -0.31
N LEU A 34 9.01 -1.49 0.87
CA LEU A 34 10.11 -2.24 1.47
C LEU A 34 9.80 -3.73 1.53
N HIS A 35 8.52 -4.05 1.66
CA HIS A 35 8.09 -5.44 1.72
C HIS A 35 8.29 -6.14 0.38
N SER A 36 7.90 -7.40 0.31
CA SER A 36 8.04 -8.18 -0.92
C SER A 36 6.90 -7.89 -1.89
N GLY A 37 5.69 -8.26 -1.50
CA GLY A 37 4.53 -8.03 -2.34
C GLY A 37 4.52 -8.92 -3.57
N GLU A 38 3.42 -9.65 -3.77
CA GLU A 38 3.30 -10.54 -4.91
C GLU A 38 2.42 -9.92 -6.00
N LYS A 39 1.35 -9.25 -5.57
CA LYS A 39 0.43 -8.61 -6.51
C LYS A 39 0.37 -7.11 -6.26
N PRO A 40 1.46 -6.40 -6.61
CA PRO A 40 1.56 -4.95 -6.45
C PRO A 40 0.64 -4.19 -7.40
N SER A 41 0.24 -4.86 -8.48
CA SER A 41 -0.64 -4.24 -9.47
C SER A 41 -0.02 -2.96 -10.03
N GLY A 42 1.23 -3.06 -10.46
CA GLY A 42 1.92 -1.90 -11.02
C GLY A 42 1.94 -1.91 -12.53
N PRO A 43 2.30 -0.76 -13.13
CA PRO A 43 2.37 -0.61 -14.58
C PRO A 43 3.52 -1.40 -15.19
N SER A 44 3.43 -1.69 -16.48
CA SER A 44 4.47 -2.45 -17.19
C SER A 44 5.38 -1.50 -17.96
N SER A 45 4.80 -0.52 -18.62
CA SER A 45 5.56 0.44 -19.41
C SER A 45 5.95 1.65 -18.55
N GLY A 46 7.22 1.72 -18.18
CA GLY A 46 7.70 2.83 -17.37
C GLY A 46 8.47 3.85 -18.19
ZN ZN B . 4.71 -3.41 6.82
N GLY A 1 -28.63 8.41 -14.23
CA GLY A 1 -28.00 9.56 -13.60
C GLY A 1 -27.91 9.45 -12.10
N SER A 2 -26.80 8.90 -11.61
CA SER A 2 -26.61 8.73 -10.18
C SER A 2 -25.31 9.38 -9.72
N SER A 3 -25.43 10.34 -8.80
CA SER A 3 -24.27 11.06 -8.29
C SER A 3 -23.55 10.22 -7.22
N GLY A 4 -22.49 9.54 -7.64
CA GLY A 4 -21.73 8.71 -6.71
C GLY A 4 -21.43 7.34 -7.28
N SER A 5 -20.22 7.17 -7.80
CA SER A 5 -19.80 5.89 -8.38
C SER A 5 -18.64 5.30 -7.61
N SER A 6 -17.50 6.00 -7.64
CA SER A 6 -16.31 5.53 -6.94
C SER A 6 -15.34 6.69 -6.68
N GLY A 7 -15.17 7.02 -5.41
CA GLY A 7 -14.28 8.11 -5.05
C GLY A 7 -12.82 7.71 -5.08
N THR A 8 -12.05 8.36 -5.95
CA THR A 8 -10.63 8.06 -6.08
C THR A 8 -9.78 9.30 -5.84
N GLY A 9 -10.28 10.20 -4.99
CA GLY A 9 -9.55 11.41 -4.68
C GLY A 9 -8.34 11.16 -3.82
N GLU A 10 -8.46 11.41 -2.52
CA GLU A 10 -7.36 11.21 -1.59
C GLU A 10 -7.02 9.72 -1.47
N LYS A 11 -5.84 9.44 -0.92
CA LYS A 11 -5.39 8.06 -0.75
C LYS A 11 -5.22 7.72 0.74
N LEU A 12 -5.51 6.47 1.08
CA LEU A 12 -5.40 6.03 2.47
C LEU A 12 -4.21 5.08 2.64
N TYR A 13 -3.08 5.63 3.09
CA TYR A 13 -1.87 4.83 3.30
C TYR A 13 -2.04 3.89 4.49
N ASN A 14 -1.67 2.63 4.29
CA ASN A 14 -1.77 1.63 5.34
C ASN A 14 -1.24 0.28 4.87
N CYS A 15 -0.20 -0.20 5.54
CA CYS A 15 0.40 -1.49 5.19
C CYS A 15 -0.52 -2.64 5.55
N LYS A 16 -1.08 -3.29 4.52
CA LYS A 16 -1.99 -4.41 4.73
C LYS A 16 -1.20 -5.72 4.87
N GLU A 17 -0.03 -5.77 4.25
CA GLU A 17 0.81 -6.97 4.31
C GLU A 17 1.03 -7.40 5.75
N CYS A 18 1.85 -6.65 6.47
CA CYS A 18 2.15 -6.97 7.87
C CYS A 18 1.06 -6.43 8.79
N GLY A 19 0.37 -5.39 8.34
CA GLY A 19 -0.70 -4.81 9.14
C GLY A 19 -0.18 -3.82 10.16
N LYS A 20 0.47 -2.76 9.69
CA LYS A 20 1.01 -1.74 10.56
C LYS A 20 0.75 -0.35 10.00
N SER A 21 0.45 0.60 10.88
CA SER A 21 0.16 1.97 10.48
C SER A 21 1.22 2.92 11.03
N PHE A 22 2.04 3.48 10.13
CA PHE A 22 3.09 4.41 10.53
C PHE A 22 2.53 5.81 10.74
N SER A 23 3.18 6.57 11.62
CA SER A 23 2.74 7.93 11.90
C SER A 23 3.01 8.86 10.71
N ARG A 24 4.18 8.70 10.10
CA ARG A 24 4.55 9.52 8.95
C ARG A 24 4.06 8.89 7.65
N ALA A 25 3.11 9.57 6.99
CA ALA A 25 2.56 9.08 5.74
C ALA A 25 3.65 8.87 4.70
N PRO A 26 4.43 9.94 4.44
CA PRO A 26 5.52 9.90 3.46
C PRO A 26 6.41 8.67 3.64
N CYS A 27 6.65 8.29 4.89
CA CYS A 27 7.49 7.14 5.19
C CYS A 27 6.71 5.84 5.01
N LEU A 28 5.44 5.85 5.40
CA LEU A 28 4.59 4.68 5.28
C LEU A 28 4.60 4.14 3.85
N LEU A 29 4.38 5.04 2.89
CA LEU A 29 4.37 4.66 1.48
C LEU A 29 5.63 3.91 1.10
N LYS A 30 6.75 4.29 1.72
CA LYS A 30 8.03 3.65 1.45
C LYS A 30 8.09 2.28 2.12
N HIS A 31 7.53 2.17 3.31
CA HIS A 31 7.52 0.90 4.04
C HIS A 31 6.81 -0.18 3.26
N GLU A 32 5.72 0.20 2.59
CA GLU A 32 4.94 -0.75 1.80
C GLU A 32 5.77 -1.31 0.64
N ARG A 33 6.69 -0.49 0.14
CA ARG A 33 7.54 -0.90 -0.97
C ARG A 33 8.70 -1.76 -0.47
N LEU A 34 9.19 -1.44 0.73
CA LEU A 34 10.29 -2.19 1.32
C LEU A 34 9.97 -3.67 1.40
N HIS A 35 8.69 -3.98 1.64
CA HIS A 35 8.25 -5.37 1.74
C HIS A 35 8.57 -6.14 0.47
N SER A 36 9.60 -6.98 0.53
CA SER A 36 10.01 -7.76 -0.62
C SER A 36 9.40 -9.16 -0.57
N GLY A 37 9.60 -9.93 -1.63
CA GLY A 37 9.07 -11.28 -1.69
C GLY A 37 10.11 -12.33 -1.38
N GLU A 38 10.40 -12.51 -0.09
CA GLU A 38 11.39 -13.49 0.34
C GLU A 38 10.83 -14.91 0.26
N LYS A 39 11.07 -15.57 -0.87
CA LYS A 39 10.59 -16.93 -1.08
C LYS A 39 11.71 -17.83 -1.61
N PRO A 40 12.67 -18.16 -0.73
CA PRO A 40 13.80 -19.01 -1.08
C PRO A 40 13.39 -20.46 -1.33
N SER A 41 12.29 -20.87 -0.69
CA SER A 41 11.79 -22.23 -0.84
C SER A 41 11.34 -22.50 -2.28
N GLY A 42 11.18 -23.77 -2.62
CA GLY A 42 10.76 -24.14 -3.96
C GLY A 42 11.41 -25.43 -4.43
N PRO A 43 11.15 -25.79 -5.70
CA PRO A 43 11.70 -27.01 -6.30
C PRO A 43 13.20 -26.92 -6.52
N SER A 44 13.73 -25.70 -6.50
CA SER A 44 15.16 -25.48 -6.70
C SER A 44 15.96 -26.00 -5.51
N SER A 45 15.54 -25.63 -4.30
CA SER A 45 16.22 -26.05 -3.08
C SER A 45 15.38 -27.07 -2.32
N GLY A 46 15.97 -28.22 -2.04
CA GLY A 46 15.27 -29.27 -1.32
C GLY A 46 14.96 -30.47 -2.19
ZN ZN B . 4.48 -3.52 6.53
N GLY A 1 -32.91 0.56 -14.34
CA GLY A 1 -31.93 0.08 -13.38
C GLY A 1 -30.52 0.45 -13.77
N SER A 2 -29.80 1.10 -12.86
CA SER A 2 -28.43 1.51 -13.11
C SER A 2 -27.72 1.90 -11.81
N SER A 3 -26.61 1.23 -11.52
CA SER A 3 -25.85 1.50 -10.31
C SER A 3 -24.50 0.78 -10.34
N GLY A 4 -23.71 0.96 -9.29
CA GLY A 4 -22.41 0.33 -9.22
C GLY A 4 -21.36 1.07 -10.03
N SER A 5 -20.95 2.23 -9.53
CA SER A 5 -19.94 3.04 -10.20
C SER A 5 -18.54 2.76 -9.66
N SER A 6 -17.94 1.68 -10.13
CA SER A 6 -16.61 1.30 -9.69
C SER A 6 -15.60 2.43 -9.91
N GLY A 7 -14.43 2.29 -9.33
CA GLY A 7 -13.40 3.31 -9.47
C GLY A 7 -12.69 3.61 -8.16
N THR A 8 -11.50 4.18 -8.26
CA THR A 8 -10.71 4.52 -7.08
C THR A 8 -10.29 5.98 -7.10
N GLY A 9 -10.87 6.78 -6.21
CA GLY A 9 -10.53 8.19 -6.15
C GLY A 9 -9.75 8.55 -4.90
N GLU A 10 -10.13 7.93 -3.78
CA GLU A 10 -9.46 8.19 -2.51
C GLU A 10 -8.53 7.05 -2.14
N LYS A 11 -7.42 7.38 -1.46
CA LYS A 11 -6.45 6.38 -1.06
C LYS A 11 -6.00 6.61 0.38
N LEU A 12 -5.81 5.52 1.12
CA LEU A 12 -5.38 5.61 2.51
C LEU A 12 -4.14 4.76 2.75
N TYR A 13 -3.08 5.39 3.24
CA TYR A 13 -1.83 4.68 3.51
C TYR A 13 -1.99 3.71 4.68
N ASN A 14 -1.79 2.43 4.39
CA ASN A 14 -1.93 1.39 5.41
C ASN A 14 -1.37 0.07 4.91
N CYS A 15 -0.28 -0.39 5.52
CA CYS A 15 0.35 -1.65 5.14
C CYS A 15 -0.50 -2.83 5.57
N LYS A 16 -1.27 -3.36 4.62
CA LYS A 16 -2.14 -4.51 4.90
C LYS A 16 -1.33 -5.81 4.94
N GLU A 17 -0.20 -5.81 4.23
CA GLU A 17 0.66 -6.99 4.19
C GLU A 17 0.99 -7.47 5.61
N CYS A 18 1.79 -6.68 6.32
CA CYS A 18 2.18 -7.02 7.68
C CYS A 18 1.18 -6.48 8.69
N GLY A 19 0.48 -5.41 8.31
CA GLY A 19 -0.50 -4.81 9.20
C GLY A 19 0.11 -3.78 10.12
N LYS A 20 0.59 -2.68 9.56
CA LYS A 20 1.20 -1.61 10.35
C LYS A 20 0.90 -0.24 9.73
N SER A 21 0.68 0.75 10.60
CA SER A 21 0.38 2.10 10.15
C SER A 21 1.13 3.13 10.98
N PHE A 22 2.08 3.82 10.35
CA PHE A 22 2.87 4.83 11.03
C PHE A 22 2.18 6.19 10.97
N SER A 23 2.85 7.21 11.51
CA SER A 23 2.30 8.56 11.54
C SER A 23 2.67 9.32 10.26
N ARG A 24 3.96 9.31 9.95
CA ARG A 24 4.46 9.99 8.75
C ARG A 24 4.02 9.26 7.48
N ALA A 25 3.40 9.99 6.56
CA ALA A 25 2.94 9.40 5.31
C ALA A 25 4.10 8.81 4.52
N PRO A 26 5.13 9.65 4.26
CA PRO A 26 6.32 9.24 3.51
C PRO A 26 6.89 7.92 4.01
N CYS A 27 6.95 7.78 5.34
CA CYS A 27 7.48 6.56 5.94
C CYS A 27 6.62 5.35 5.58
N LEU A 28 5.35 5.40 5.95
CA LEU A 28 4.43 4.31 5.66
C LEU A 28 4.43 3.98 4.17
N LEU A 29 4.40 5.01 3.34
CA LEU A 29 4.39 4.82 1.89
C LEU A 29 5.64 4.07 1.43
N LYS A 30 6.79 4.45 1.98
CA LYS A 30 8.05 3.81 1.64
C LYS A 30 8.11 2.39 2.20
N HIS A 31 7.50 2.19 3.37
CA HIS A 31 7.49 0.88 4.01
C HIS A 31 6.77 -0.14 3.14
N GLU A 32 5.69 0.30 2.49
CA GLU A 32 4.91 -0.58 1.62
C GLU A 32 5.75 -1.04 0.43
N ARG A 33 6.70 -0.22 0.02
CA ARG A 33 7.56 -0.54 -1.11
C ARG A 33 8.71 -1.46 -0.67
N LEU A 34 9.08 -1.37 0.59
CA LEU A 34 10.16 -2.19 1.14
C LEU A 34 9.80 -3.67 1.07
N HIS A 35 8.56 -3.99 1.41
CA HIS A 35 8.09 -5.37 1.39
C HIS A 35 8.35 -6.00 0.03
N SER A 36 9.31 -6.92 -0.02
CA SER A 36 9.66 -7.60 -1.26
C SER A 36 8.56 -8.58 -1.67
N GLY A 37 7.69 -8.13 -2.56
CA GLY A 37 6.60 -8.98 -3.02
C GLY A 37 6.02 -8.52 -4.34
N GLU A 38 5.73 -9.46 -5.23
CA GLU A 38 5.16 -9.14 -6.53
C GLU A 38 3.80 -9.82 -6.72
N LYS A 39 2.97 -9.75 -5.69
CA LYS A 39 1.65 -10.36 -5.74
C LYS A 39 1.74 -11.85 -6.07
N PRO A 40 2.27 -12.63 -5.12
CA PRO A 40 2.43 -14.08 -5.28
C PRO A 40 1.10 -14.81 -5.27
N SER A 41 0.08 -14.18 -4.69
CA SER A 41 -1.24 -14.77 -4.61
C SER A 41 -2.09 -14.37 -5.81
N GLY A 42 -2.73 -15.35 -6.44
CA GLY A 42 -3.56 -15.08 -7.59
C GLY A 42 -2.75 -14.85 -8.85
N PRO A 43 -3.43 -14.83 -10.01
CA PRO A 43 -2.78 -14.61 -11.30
C PRO A 43 -2.28 -13.18 -11.47
N SER A 44 -1.84 -12.85 -12.68
CA SER A 44 -1.33 -11.51 -12.97
C SER A 44 -1.92 -10.97 -14.27
N SER A 45 -2.61 -9.84 -14.17
CA SER A 45 -3.22 -9.22 -15.34
C SER A 45 -2.52 -7.90 -15.69
N GLY A 46 -1.20 -7.99 -15.90
CA GLY A 46 -0.44 -6.80 -16.24
C GLY A 46 -0.03 -6.78 -17.70
ZN ZN B . 4.48 -3.75 6.28
N GLY A 1 -26.46 18.61 -1.73
CA GLY A 1 -26.02 19.66 -0.83
C GLY A 1 -26.87 19.76 0.42
N SER A 2 -26.88 18.70 1.22
CA SER A 2 -27.68 18.67 2.44
C SER A 2 -26.85 18.14 3.61
N SER A 3 -26.52 16.86 3.55
CA SER A 3 -25.73 16.22 4.61
C SER A 3 -24.27 16.14 4.21
N GLY A 4 -24.00 15.54 3.05
CA GLY A 4 -22.63 15.40 2.58
C GLY A 4 -22.55 15.16 1.09
N SER A 5 -22.15 16.19 0.35
CA SER A 5 -22.04 16.08 -1.10
C SER A 5 -20.79 15.30 -1.50
N SER A 6 -20.62 15.07 -2.79
CA SER A 6 -19.48 14.33 -3.31
C SER A 6 -18.23 15.20 -3.32
N GLY A 7 -17.31 14.92 -2.40
CA GLY A 7 -16.08 15.69 -2.32
C GLY A 7 -14.92 14.99 -3.01
N THR A 8 -13.73 15.54 -2.84
CA THR A 8 -12.53 14.98 -3.47
C THR A 8 -12.01 13.79 -2.65
N GLY A 9 -11.62 12.73 -3.37
CA GLY A 9 -11.10 11.55 -2.70
C GLY A 9 -9.61 11.61 -2.49
N GLU A 10 -9.15 11.09 -1.35
CA GLU A 10 -7.73 11.09 -1.02
C GLU A 10 -7.21 9.67 -0.87
N LYS A 11 -5.89 9.52 -0.92
CA LYS A 11 -5.25 8.21 -0.79
C LYS A 11 -5.20 7.78 0.68
N LEU A 12 -5.41 6.48 0.91
CA LEU A 12 -5.38 5.94 2.26
C LEU A 12 -4.17 5.02 2.45
N TYR A 13 -3.08 5.58 2.95
CA TYR A 13 -1.86 4.81 3.17
C TYR A 13 -2.01 3.90 4.39
N ASN A 14 -1.75 2.61 4.19
CA ASN A 14 -1.87 1.62 5.26
C ASN A 14 -1.31 0.27 4.82
N CYS A 15 -0.22 -0.15 5.46
CA CYS A 15 0.41 -1.41 5.15
C CYS A 15 -0.52 -2.58 5.46
N LYS A 16 -0.80 -3.40 4.45
CA LYS A 16 -1.67 -4.55 4.61
C LYS A 16 -0.86 -5.83 4.80
N GLU A 17 0.37 -5.83 4.28
CA GLU A 17 1.24 -6.99 4.40
C GLU A 17 1.41 -7.40 5.86
N CYS A 18 2.12 -6.59 6.63
CA CYS A 18 2.35 -6.86 8.03
C CYS A 18 1.22 -6.32 8.89
N GLY A 19 0.54 -5.30 8.39
CA GLY A 19 -0.56 -4.70 9.12
C GLY A 19 -0.09 -3.70 10.16
N LYS A 20 0.54 -2.63 9.70
CA LYS A 20 1.04 -1.59 10.60
C LYS A 20 0.83 -0.20 10.01
N SER A 21 0.37 0.73 10.84
CA SER A 21 0.12 2.10 10.39
C SER A 21 1.17 3.05 10.98
N PHE A 22 2.01 3.58 10.10
CA PHE A 22 3.06 4.51 10.53
C PHE A 22 2.49 5.92 10.71
N SER A 23 3.02 6.64 11.70
CA SER A 23 2.56 7.99 11.98
C SER A 23 2.94 8.94 10.84
N ARG A 24 4.02 8.62 10.14
CA ARG A 24 4.48 9.43 9.03
C ARG A 24 4.05 8.85 7.69
N ALA A 25 3.06 9.47 7.07
CA ALA A 25 2.54 9.02 5.79
C ALA A 25 3.67 8.86 4.78
N PRO A 26 4.44 9.94 4.57
CA PRO A 26 5.56 9.94 3.63
C PRO A 26 6.47 8.73 3.80
N CYS A 27 6.60 8.26 5.04
CA CYS A 27 7.44 7.12 5.34
C CYS A 27 6.67 5.81 5.13
N LEU A 28 5.39 5.83 5.45
CA LEU A 28 4.54 4.65 5.30
C LEU A 28 4.60 4.12 3.87
N LEU A 29 4.43 5.01 2.90
CA LEU A 29 4.46 4.63 1.50
C LEU A 29 5.75 3.91 1.16
N LYS A 30 6.85 4.31 1.82
CA LYS A 30 8.15 3.69 1.59
C LYS A 30 8.23 2.33 2.29
N HIS A 31 7.52 2.21 3.40
CA HIS A 31 7.51 0.96 4.17
C HIS A 31 6.85 -0.16 3.37
N GLU A 32 5.73 0.17 2.72
CA GLU A 32 5.00 -0.81 1.92
C GLU A 32 5.83 -1.26 0.70
N ARG A 33 6.70 -0.37 0.24
CA ARG A 33 7.54 -0.66 -0.91
C ARG A 33 8.52 -1.80 -0.59
N LEU A 34 9.18 -1.70 0.55
CA LEU A 34 10.14 -2.71 0.97
C LEU A 34 9.51 -4.10 0.96
N HIS A 35 8.29 -4.19 1.49
CA HIS A 35 7.56 -5.46 1.54
C HIS A 35 7.50 -6.11 0.15
N SER A 36 7.97 -7.35 0.07
CA SER A 36 7.96 -8.08 -1.20
C SER A 36 8.01 -9.58 -0.95
N GLY A 37 7.89 -10.35 -2.03
CA GLY A 37 7.92 -11.80 -1.91
C GLY A 37 8.25 -12.48 -3.22
N GLU A 38 9.55 -12.59 -3.53
CA GLU A 38 9.99 -13.22 -4.76
C GLU A 38 9.79 -14.73 -4.70
N LYS A 39 10.08 -15.32 -3.55
CA LYS A 39 9.93 -16.75 -3.36
C LYS A 39 10.67 -17.53 -4.45
N PRO A 40 12.00 -17.51 -4.38
CA PRO A 40 12.86 -18.20 -5.36
C PRO A 40 12.78 -19.71 -5.22
N SER A 41 12.31 -20.18 -4.06
CA SER A 41 12.19 -21.61 -3.81
C SER A 41 10.76 -22.08 -4.06
N GLY A 42 10.23 -21.76 -5.23
CA GLY A 42 8.88 -22.16 -5.58
C GLY A 42 7.85 -21.64 -4.59
N PRO A 43 6.57 -21.93 -4.87
CA PRO A 43 5.47 -21.50 -4.00
C PRO A 43 5.45 -22.22 -2.67
N SER A 44 4.49 -21.88 -1.83
CA SER A 44 4.36 -22.50 -0.51
C SER A 44 3.49 -23.76 -0.57
N SER A 45 4.14 -24.90 -0.73
CA SER A 45 3.43 -26.18 -0.82
C SER A 45 2.67 -26.46 0.47
N GLY A 46 1.45 -26.96 0.34
CA GLY A 46 0.63 -27.27 1.51
C GLY A 46 -0.25 -28.49 1.29
ZN ZN B . 4.59 -3.42 6.72
N GLY A 1 -33.95 -6.18 -13.02
CA GLY A 1 -33.94 -4.74 -12.85
C GLY A 1 -32.60 -4.13 -13.19
N SER A 2 -32.58 -2.81 -13.35
CA SER A 2 -31.35 -2.09 -13.68
C SER A 2 -30.87 -1.26 -12.50
N SER A 3 -29.83 -1.74 -11.83
CA SER A 3 -29.28 -1.03 -10.68
C SER A 3 -27.79 -0.74 -10.88
N GLY A 4 -27.26 0.19 -10.09
CA GLY A 4 -25.86 0.54 -10.20
C GLY A 4 -25.36 1.32 -8.99
N SER A 5 -24.45 0.71 -8.24
CA SER A 5 -23.90 1.34 -7.05
C SER A 5 -22.60 2.09 -7.38
N SER A 6 -22.68 3.00 -8.34
CA SER A 6 -21.52 3.78 -8.76
C SER A 6 -21.24 4.91 -7.77
N GLY A 7 -20.12 5.60 -7.98
CA GLY A 7 -19.76 6.70 -7.10
C GLY A 7 -18.88 6.27 -5.96
N THR A 8 -17.63 5.94 -6.26
CA THR A 8 -16.67 5.49 -5.25
C THR A 8 -15.24 5.69 -5.71
N GLY A 9 -14.31 5.70 -4.77
CA GLY A 9 -12.91 5.87 -5.10
C GLY A 9 -12.17 6.69 -4.07
N GLU A 10 -11.39 6.02 -3.23
CA GLU A 10 -10.62 6.70 -2.19
C GLU A 10 -9.22 6.10 -2.07
N LYS A 11 -8.40 6.67 -1.19
CA LYS A 11 -7.05 6.19 -0.96
C LYS A 11 -6.59 6.51 0.45
N LEU A 12 -5.91 5.55 1.07
CA LEU A 12 -5.41 5.71 2.43
C LEU A 12 -4.16 4.86 2.66
N TYR A 13 -3.04 5.52 2.93
CA TYR A 13 -1.78 4.82 3.17
C TYR A 13 -1.89 3.91 4.39
N ASN A 14 -1.72 2.61 4.17
CA ASN A 14 -1.79 1.63 5.24
C ASN A 14 -1.28 0.27 4.79
N CYS A 15 -0.21 -0.20 5.44
CA CYS A 15 0.36 -1.49 5.09
C CYS A 15 -0.55 -2.63 5.53
N LYS A 16 -1.23 -3.24 4.56
CA LYS A 16 -2.14 -4.34 4.84
C LYS A 16 -1.38 -5.66 4.96
N GLU A 17 -0.22 -5.72 4.31
CA GLU A 17 0.61 -6.93 4.34
C GLU A 17 0.91 -7.34 5.77
N CYS A 18 1.75 -6.56 6.45
CA CYS A 18 2.11 -6.85 7.84
C CYS A 18 1.08 -6.29 8.80
N GLY A 19 0.35 -5.27 8.35
CA GLY A 19 -0.67 -4.66 9.19
C GLY A 19 -0.08 -3.70 10.21
N LYS A 20 0.61 -2.68 9.72
CA LYS A 20 1.22 -1.68 10.61
C LYS A 20 1.05 -0.28 10.03
N SER A 21 0.38 0.58 10.79
CA SER A 21 0.15 1.96 10.35
C SER A 21 1.20 2.90 10.94
N PHE A 22 2.05 3.44 10.07
CA PHE A 22 3.10 4.35 10.51
C PHE A 22 2.54 5.73 10.81
N SER A 23 3.28 6.51 11.60
CA SER A 23 2.84 7.85 11.97
C SER A 23 3.12 8.84 10.84
N ARG A 24 4.20 8.61 10.12
CA ARG A 24 4.57 9.48 9.01
C ARG A 24 4.10 8.90 7.67
N ALA A 25 3.11 9.56 7.07
CA ALA A 25 2.57 9.12 5.80
C ALA A 25 3.66 8.94 4.76
N PRO A 26 4.46 9.99 4.54
CA PRO A 26 5.56 9.98 3.58
C PRO A 26 6.45 8.75 3.73
N CYS A 27 6.67 8.34 4.98
CA CYS A 27 7.49 7.17 5.25
C CYS A 27 6.71 5.87 5.02
N LEU A 28 5.45 5.88 5.42
CA LEU A 28 4.60 4.71 5.25
C LEU A 28 4.62 4.21 3.80
N LEU A 29 4.42 5.14 2.86
CA LEU A 29 4.41 4.80 1.45
C LEU A 29 5.68 4.04 1.08
N LYS A 30 6.79 4.34 1.75
CA LYS A 30 8.05 3.68 1.49
C LYS A 30 8.09 2.30 2.15
N HIS A 31 7.46 2.20 3.32
CA HIS A 31 7.43 0.94 4.06
C HIS A 31 6.74 -0.15 3.24
N GLU A 32 5.69 0.23 2.52
CA GLU A 32 4.95 -0.72 1.70
C GLU A 32 5.82 -1.26 0.56
N ARG A 33 6.80 -0.46 0.15
CA ARG A 33 7.70 -0.85 -0.93
C ARG A 33 8.82 -1.75 -0.40
N LEU A 34 9.23 -1.51 0.84
CA LEU A 34 10.29 -2.29 1.46
C LEU A 34 9.93 -3.78 1.48
N HIS A 35 8.63 -4.06 1.58
CA HIS A 35 8.15 -5.44 1.60
C HIS A 35 8.41 -6.13 0.26
N SER A 36 7.99 -7.38 0.16
CA SER A 36 8.19 -8.16 -1.05
C SER A 36 6.85 -8.46 -1.73
N GLY A 37 6.90 -8.77 -3.02
CA GLY A 37 5.69 -9.07 -3.76
C GLY A 37 5.98 -9.62 -5.14
N GLU A 38 6.57 -8.81 -6.00
CA GLU A 38 6.91 -9.23 -7.35
C GLU A 38 8.16 -10.08 -7.37
N LYS A 39 8.24 -11.01 -8.33
CA LYS A 39 9.39 -11.89 -8.45
C LYS A 39 10.13 -11.63 -9.75
N PRO A 40 10.83 -10.49 -9.82
CA PRO A 40 11.60 -10.10 -11.00
C PRO A 40 12.83 -10.97 -11.21
N SER A 41 13.63 -10.63 -12.21
CA SER A 41 14.85 -11.38 -12.51
C SER A 41 16.08 -10.49 -12.42
N GLY A 42 15.92 -9.23 -12.80
CA GLY A 42 17.03 -8.29 -12.76
C GLY A 42 17.57 -7.98 -14.14
N PRO A 43 18.46 -6.97 -14.22
CA PRO A 43 19.07 -6.55 -15.48
C PRO A 43 20.06 -7.58 -16.01
N SER A 44 19.67 -8.29 -17.06
CA SER A 44 20.52 -9.30 -17.66
C SER A 44 20.54 -9.17 -19.18
N SER A 45 21.69 -9.45 -19.77
CA SER A 45 21.84 -9.37 -21.22
C SER A 45 21.81 -10.75 -21.87
N GLY A 46 20.61 -11.21 -22.22
CA GLY A 46 20.47 -12.52 -22.83
C GLY A 46 21.31 -12.67 -24.08
ZN ZN B . 4.58 -3.48 6.39
N GLY A 1 -33.66 24.57 -6.02
CA GLY A 1 -32.94 23.57 -6.78
C GLY A 1 -31.57 24.05 -7.23
N SER A 2 -30.53 23.47 -6.64
CA SER A 2 -29.16 23.84 -6.97
C SER A 2 -28.30 22.61 -7.21
N SER A 3 -27.06 22.82 -7.64
CA SER A 3 -26.14 21.73 -7.92
C SER A 3 -24.71 22.12 -7.56
N GLY A 4 -24.00 21.22 -6.89
CA GLY A 4 -22.63 21.50 -6.51
C GLY A 4 -21.64 20.71 -7.32
N SER A 5 -20.39 20.68 -6.87
CA SER A 5 -19.33 19.96 -7.58
C SER A 5 -18.25 19.50 -6.61
N SER A 6 -17.42 18.56 -7.05
CA SER A 6 -16.35 18.02 -6.22
C SER A 6 -15.47 17.06 -7.03
N GLY A 7 -14.15 17.23 -6.89
CA GLY A 7 -13.22 16.38 -7.60
C GLY A 7 -11.80 16.50 -7.09
N THR A 8 -11.31 15.42 -6.49
CA THR A 8 -9.95 15.41 -5.94
C THR A 8 -9.44 13.99 -5.78
N GLY A 9 -8.14 13.80 -6.05
CA GLY A 9 -7.54 12.49 -5.94
C GLY A 9 -7.43 12.03 -4.50
N GLU A 10 -8.08 10.90 -4.19
CA GLU A 10 -8.05 10.36 -2.84
C GLU A 10 -6.91 9.37 -2.67
N LYS A 11 -6.60 9.03 -1.43
CA LYS A 11 -5.52 8.10 -1.13
C LYS A 11 -5.59 7.62 0.31
N LEU A 12 -5.10 6.41 0.56
CA LEU A 12 -5.11 5.84 1.90
C LEU A 12 -3.86 5.00 2.15
N TYR A 13 -2.96 5.52 2.98
CA TYR A 13 -1.72 4.83 3.31
C TYR A 13 -1.93 3.85 4.47
N ASN A 14 -1.58 2.60 4.24
CA ASN A 14 -1.73 1.56 5.27
C ASN A 14 -1.19 0.22 4.78
N CYS A 15 -0.22 -0.32 5.50
CA CYS A 15 0.38 -1.61 5.14
C CYS A 15 -0.48 -2.77 5.64
N LYS A 16 -0.83 -3.66 4.71
CA LYS A 16 -1.65 -4.82 5.06
C LYS A 16 -0.80 -6.09 5.11
N GLU A 17 0.29 -6.10 4.34
CA GLU A 17 1.18 -7.25 4.30
C GLU A 17 1.61 -7.66 5.71
N CYS A 18 1.95 -6.68 6.52
CA CYS A 18 2.38 -6.93 7.89
C CYS A 18 1.41 -6.32 8.89
N GLY A 19 0.69 -5.28 8.45
CA GLY A 19 -0.26 -4.62 9.32
C GLY A 19 0.38 -3.58 10.20
N LYS A 20 0.84 -2.49 9.60
CA LYS A 20 1.49 -1.41 10.34
C LYS A 20 1.05 -0.05 9.79
N SER A 21 0.58 0.81 10.69
CA SER A 21 0.12 2.14 10.30
C SER A 21 0.85 3.21 11.12
N PHE A 22 1.96 3.70 10.57
CA PHE A 22 2.75 4.72 11.25
C PHE A 22 2.01 6.06 11.26
N SER A 23 2.66 7.09 11.80
CA SER A 23 2.05 8.42 11.88
C SER A 23 2.41 9.25 10.65
N ARG A 24 3.63 9.06 10.15
CA ARG A 24 4.09 9.80 8.98
C ARG A 24 3.62 9.12 7.70
N ALA A 25 3.30 9.94 6.69
CA ALA A 25 2.85 9.43 5.40
C ALA A 25 4.00 8.84 4.61
N PRO A 26 5.05 9.64 4.40
CA PRO A 26 6.23 9.21 3.64
C PRO A 26 6.75 7.85 4.10
N CYS A 27 7.06 7.74 5.38
CA CYS A 27 7.57 6.49 5.95
C CYS A 27 6.66 5.34 5.60
N LEU A 28 5.38 5.47 5.92
CA LEU A 28 4.40 4.42 5.64
C LEU A 28 4.38 4.07 4.15
N LEU A 29 4.41 5.10 3.31
CA LEU A 29 4.40 4.90 1.87
C LEU A 29 5.61 4.07 1.43
N LYS A 30 6.80 4.60 1.68
CA LYS A 30 8.04 3.91 1.31
C LYS A 30 8.08 2.52 1.93
N HIS A 31 7.50 2.38 3.11
CA HIS A 31 7.47 1.10 3.81
C HIS A 31 6.72 0.04 3.00
N GLU A 32 5.58 0.45 2.45
CA GLU A 32 4.76 -0.46 1.64
C GLU A 32 5.56 -1.02 0.48
N ARG A 33 6.58 -0.29 0.06
CA ARG A 33 7.44 -0.72 -1.05
C ARG A 33 8.44 -1.76 -0.59
N LEU A 34 8.81 -1.70 0.68
CA LEU A 34 9.78 -2.64 1.25
C LEU A 34 9.35 -4.08 0.97
N HIS A 35 8.07 -4.37 1.20
CA HIS A 35 7.54 -5.71 0.97
C HIS A 35 7.49 -6.03 -0.52
N SER A 36 8.42 -6.87 -0.98
CA SER A 36 8.49 -7.25 -2.38
C SER A 36 7.19 -7.92 -2.82
N GLY A 37 6.88 -7.81 -4.11
CA GLY A 37 5.68 -8.41 -4.64
C GLY A 37 5.95 -9.65 -5.47
N GLU A 38 7.02 -9.61 -6.25
CA GLU A 38 7.39 -10.75 -7.10
C GLU A 38 7.73 -11.97 -6.25
N LYS A 39 6.77 -12.86 -6.08
CA LYS A 39 6.96 -14.07 -5.29
C LYS A 39 6.32 -15.27 -5.97
N PRO A 40 6.90 -15.70 -7.09
CA PRO A 40 6.40 -16.84 -7.86
C PRO A 40 6.61 -18.17 -7.13
N SER A 41 5.81 -19.17 -7.47
CA SER A 41 5.92 -20.48 -6.85
C SER A 41 6.15 -21.56 -7.90
N GLY A 42 7.20 -22.35 -7.71
CA GLY A 42 7.51 -23.42 -8.65
C GLY A 42 6.70 -24.67 -8.40
N PRO A 43 6.89 -25.68 -9.25
CA PRO A 43 6.18 -26.96 -9.14
C PRO A 43 6.62 -27.76 -7.93
N SER A 44 7.92 -27.69 -7.61
CA SER A 44 8.46 -28.42 -6.47
C SER A 44 8.29 -27.63 -5.18
N SER A 45 7.45 -28.13 -4.29
CA SER A 45 7.19 -27.46 -3.01
C SER A 45 6.65 -28.45 -1.99
N GLY A 46 7.22 -28.42 -0.79
CA GLY A 46 6.79 -29.32 0.27
C GLY A 46 5.97 -28.61 1.33
ZN ZN B . 4.64 -3.68 6.23
N GLY A 1 -34.30 9.32 -1.05
CA GLY A 1 -33.98 10.64 -1.53
C GLY A 1 -32.51 10.99 -1.34
N SER A 2 -31.66 10.43 -2.19
CA SER A 2 -30.22 10.67 -2.10
C SER A 2 -29.89 12.09 -2.55
N SER A 3 -29.35 12.89 -1.64
CA SER A 3 -28.98 14.26 -1.93
C SER A 3 -28.08 14.33 -3.17
N GLY A 4 -26.99 13.58 -3.13
CA GLY A 4 -26.07 13.56 -4.25
C GLY A 4 -24.76 12.88 -3.91
N SER A 5 -23.65 13.57 -4.15
CA SER A 5 -22.32 13.02 -3.87
C SER A 5 -21.34 14.14 -3.51
N SER A 6 -20.09 13.75 -3.26
CA SER A 6 -19.06 14.71 -2.91
C SER A 6 -17.86 14.61 -3.86
N GLY A 7 -17.15 13.48 -3.78
CA GLY A 7 -16.00 13.27 -4.64
C GLY A 7 -14.71 13.78 -4.02
N THR A 8 -14.29 13.13 -2.94
CA THR A 8 -13.06 13.52 -2.25
C THR A 8 -12.48 12.35 -1.47
N GLY A 9 -11.24 12.50 -1.02
CA GLY A 9 -10.58 11.45 -0.26
C GLY A 9 -9.53 10.72 -1.07
N GLU A 10 -8.31 11.25 -1.06
CA GLU A 10 -7.20 10.65 -1.80
C GLU A 10 -6.92 9.24 -1.29
N LYS A 11 -5.89 8.61 -1.85
CA LYS A 11 -5.51 7.27 -1.45
C LYS A 11 -5.25 7.19 0.05
N LEU A 12 -5.61 6.06 0.65
CA LEU A 12 -5.42 5.85 2.09
C LEU A 12 -4.17 5.03 2.35
N TYR A 13 -3.11 5.69 2.81
CA TYR A 13 -1.85 5.01 3.10
C TYR A 13 -2.00 4.09 4.32
N ASN A 14 -1.64 2.83 4.13
CA ASN A 14 -1.72 1.84 5.20
C ASN A 14 -1.17 0.49 4.75
N CYS A 15 -0.23 -0.04 5.53
CA CYS A 15 0.38 -1.33 5.21
C CYS A 15 -0.55 -2.48 5.57
N LYS A 16 -0.99 -3.22 4.56
CA LYS A 16 -1.89 -4.35 4.77
C LYS A 16 -1.10 -5.65 4.87
N GLU A 17 0.07 -5.68 4.24
CA GLU A 17 0.91 -6.87 4.24
C GLU A 17 1.16 -7.35 5.68
N CYS A 18 1.93 -6.57 6.43
CA CYS A 18 2.24 -6.91 7.81
C CYS A 18 1.17 -6.38 8.76
N GLY A 19 0.49 -5.31 8.34
CA GLY A 19 -0.55 -4.72 9.16
C GLY A 19 0.00 -3.80 10.21
N LYS A 20 0.76 -2.78 9.77
CA LYS A 20 1.34 -1.81 10.68
C LYS A 20 1.30 -0.40 10.09
N SER A 21 0.48 0.45 10.68
CA SER A 21 0.35 1.83 10.21
C SER A 21 1.30 2.75 10.95
N PHE A 22 2.29 3.27 10.22
CA PHE A 22 3.28 4.18 10.80
C PHE A 22 2.65 5.53 11.12
N SER A 23 3.47 6.46 11.61
CA SER A 23 3.00 7.79 11.96
C SER A 23 2.88 8.67 10.72
N ARG A 24 4.02 9.10 10.19
CA ARG A 24 4.05 9.95 9.00
C ARG A 24 3.51 9.19 7.78
N ALA A 25 3.16 9.94 6.73
CA ALA A 25 2.65 9.34 5.51
C ALA A 25 3.77 8.79 4.64
N PRO A 26 4.74 9.65 4.33
CA PRO A 26 5.90 9.27 3.50
C PRO A 26 6.54 7.96 3.95
N CYS A 27 6.90 7.91 5.24
CA CYS A 27 7.52 6.71 5.79
C CYS A 27 6.65 5.48 5.56
N LEU A 28 5.35 5.70 5.42
CA LEU A 28 4.41 4.61 5.20
C LEU A 28 4.36 4.23 3.73
N LEU A 29 4.29 5.23 2.86
CA LEU A 29 4.24 5.01 1.42
C LEU A 29 5.45 4.20 0.96
N LYS A 30 6.57 4.34 1.67
CA LYS A 30 7.79 3.63 1.35
C LYS A 30 7.82 2.25 2.02
N HIS A 31 7.42 2.22 3.29
CA HIS A 31 7.40 0.98 4.05
C HIS A 31 6.65 -0.12 3.29
N GLU A 32 5.60 0.29 2.58
CA GLU A 32 4.79 -0.65 1.82
C GLU A 32 5.63 -1.36 0.76
N ARG A 33 6.42 -0.58 0.02
CA ARG A 33 7.26 -1.12 -1.03
C ARG A 33 8.46 -1.86 -0.42
N LEU A 34 8.92 -1.39 0.73
CA LEU A 34 10.06 -2.01 1.41
C LEU A 34 9.83 -3.50 1.60
N HIS A 35 8.58 -3.89 1.76
CA HIS A 35 8.23 -5.29 1.95
C HIS A 35 8.60 -6.12 0.72
N SER A 36 9.67 -6.88 0.82
CA SER A 36 10.14 -7.71 -0.28
C SER A 36 9.63 -9.14 -0.13
N GLY A 37 8.97 -9.64 -1.17
CA GLY A 37 8.44 -10.99 -1.14
C GLY A 37 9.50 -12.04 -1.42
N GLU A 38 10.50 -11.68 -2.22
CA GLU A 38 11.58 -12.59 -2.56
C GLU A 38 11.04 -13.81 -3.32
N LYS A 39 10.00 -13.58 -4.12
CA LYS A 39 9.40 -14.66 -4.90
C LYS A 39 8.94 -15.80 -3.99
N PRO A 40 7.86 -15.54 -3.23
CA PRO A 40 7.30 -16.54 -2.32
C PRO A 40 6.64 -17.70 -3.06
N SER A 41 6.13 -18.67 -2.29
CA SER A 41 5.47 -19.83 -2.87
C SER A 41 4.53 -20.49 -1.86
N GLY A 42 3.59 -21.27 -2.37
CA GLY A 42 2.65 -21.95 -1.49
C GLY A 42 3.30 -23.03 -0.66
N PRO A 43 3.67 -24.14 -1.31
CA PRO A 43 4.31 -25.27 -0.64
C PRO A 43 5.73 -24.95 -0.20
N SER A 44 6.26 -25.76 0.72
CA SER A 44 7.61 -25.56 1.23
C SER A 44 8.62 -26.39 0.45
N SER A 45 9.68 -25.74 -0.02
CA SER A 45 10.72 -26.41 -0.80
C SER A 45 11.62 -27.23 0.12
N GLY A 46 11.14 -28.41 0.51
CA GLY A 46 11.91 -29.28 1.38
C GLY A 46 11.74 -28.94 2.84
ZN ZN B . 4.47 -3.32 6.69
N GLY A 1 -30.79 9.37 -18.65
CA GLY A 1 -30.29 8.54 -19.73
C GLY A 1 -29.06 7.75 -19.33
N SER A 2 -27.89 8.32 -19.57
CA SER A 2 -26.63 7.66 -19.25
C SER A 2 -25.77 8.55 -18.36
N SER A 3 -25.36 8.00 -17.21
CA SER A 3 -24.53 8.75 -16.27
C SER A 3 -23.07 8.74 -16.70
N GLY A 4 -22.24 9.47 -15.97
CA GLY A 4 -20.82 9.54 -16.30
C GLY A 4 -19.97 9.87 -15.09
N SER A 5 -20.34 9.33 -13.94
CA SER A 5 -19.60 9.58 -12.70
C SER A 5 -18.64 8.42 -12.39
N SER A 6 -17.38 8.76 -12.15
CA SER A 6 -16.37 7.76 -11.86
C SER A 6 -15.15 8.39 -11.18
N GLY A 7 -14.15 7.57 -10.89
CA GLY A 7 -12.94 8.08 -10.26
C GLY A 7 -12.99 7.95 -8.75
N THR A 8 -13.29 6.75 -8.26
CA THR A 8 -13.38 6.51 -6.82
C THR A 8 -12.14 5.79 -6.31
N GLY A 9 -11.12 6.55 -5.94
CA GLY A 9 -9.89 5.96 -5.44
C GLY A 9 -9.21 6.83 -4.40
N GLU A 10 -9.07 6.30 -3.19
CA GLU A 10 -8.44 7.04 -2.09
C GLU A 10 -7.00 6.57 -1.89
N LYS A 11 -6.17 7.46 -1.37
CA LYS A 11 -4.77 7.14 -1.11
C LYS A 11 -4.55 6.80 0.37
N LEU A 12 -5.45 5.99 0.92
CA LEU A 12 -5.36 5.60 2.32
C LEU A 12 -4.11 4.76 2.56
N TYR A 13 -3.04 5.40 3.05
CA TYR A 13 -1.80 4.71 3.32
C TYR A 13 -1.93 3.79 4.53
N ASN A 14 -1.81 2.48 4.28
CA ASN A 14 -1.93 1.50 5.35
C ASN A 14 -1.36 0.15 4.90
N CYS A 15 -0.33 -0.31 5.59
CA CYS A 15 0.30 -1.58 5.28
C CYS A 15 -0.60 -2.75 5.64
N LYS A 16 -0.85 -3.63 4.69
CA LYS A 16 -1.70 -4.79 4.90
C LYS A 16 -0.87 -6.07 4.98
N GLU A 17 0.27 -6.07 4.30
CA GLU A 17 1.16 -7.22 4.29
C GLU A 17 1.47 -7.68 5.71
N CYS A 18 1.89 -6.74 6.56
CA CYS A 18 2.23 -7.05 7.94
C CYS A 18 1.20 -6.45 8.89
N GLY A 19 0.54 -5.38 8.44
CA GLY A 19 -0.46 -4.72 9.27
C GLY A 19 0.15 -3.69 10.19
N LYS A 20 0.53 -2.54 9.65
CA LYS A 20 1.13 -1.48 10.44
C LYS A 20 0.87 -0.12 9.80
N SER A 21 0.55 0.87 10.63
CA SER A 21 0.28 2.21 10.14
C SER A 21 1.03 3.26 10.97
N PHE A 22 2.01 3.90 10.34
CA PHE A 22 2.80 4.92 11.01
C PHE A 22 2.11 6.27 10.98
N SER A 23 2.68 7.25 11.67
CA SER A 23 2.12 8.58 11.73
C SER A 23 2.57 9.42 10.54
N ARG A 24 3.75 9.09 10.02
CA ARG A 24 4.31 9.81 8.88
C ARG A 24 3.94 9.13 7.57
N ALA A 25 3.18 9.83 6.74
CA ALA A 25 2.76 9.29 5.45
C ALA A 25 3.95 8.78 4.65
N PRO A 26 4.95 9.66 4.44
CA PRO A 26 6.15 9.32 3.69
C PRO A 26 6.77 8.00 4.14
N CYS A 27 6.98 7.87 5.45
CA CYS A 27 7.56 6.66 6.02
C CYS A 27 6.73 5.43 5.65
N LEU A 28 5.42 5.54 5.84
CA LEU A 28 4.51 4.44 5.53
C LEU A 28 4.58 4.08 4.05
N LEU A 29 4.47 5.08 3.19
CA LEU A 29 4.52 4.88 1.75
C LEU A 29 5.81 4.17 1.35
N LYS A 30 6.91 4.55 1.98
CA LYS A 30 8.20 3.95 1.69
C LYS A 30 8.29 2.54 2.29
N HIS A 31 7.54 2.31 3.35
CA HIS A 31 7.53 1.01 4.01
C HIS A 31 6.84 -0.05 3.14
N GLU A 32 5.81 0.38 2.42
CA GLU A 32 5.07 -0.53 1.55
C GLU A 32 5.94 -0.99 0.38
N ARG A 33 6.89 -0.16 -0.01
CA ARG A 33 7.78 -0.48 -1.12
C ARG A 33 8.62 -1.72 -0.79
N LEU A 34 9.21 -1.74 0.40
CA LEU A 34 10.03 -2.85 0.83
C LEU A 34 9.28 -4.17 0.67
N HIS A 35 8.06 -4.21 1.20
CA HIS A 35 7.24 -5.41 1.11
C HIS A 35 7.14 -5.91 -0.32
N SER A 36 7.69 -7.10 -0.58
CA SER A 36 7.67 -7.68 -1.91
C SER A 36 6.38 -8.47 -2.14
N GLY A 37 5.66 -8.12 -3.20
CA GLY A 37 4.42 -8.80 -3.51
C GLY A 37 3.87 -8.43 -4.88
N GLU A 38 4.78 -8.19 -5.82
CA GLU A 38 4.38 -7.82 -7.18
C GLU A 38 4.87 -8.86 -8.19
N LYS A 39 3.98 -9.77 -8.56
CA LYS A 39 4.32 -10.82 -9.52
C LYS A 39 3.06 -11.54 -9.99
N PRO A 40 2.25 -10.85 -10.80
CA PRO A 40 1.00 -11.41 -11.34
C PRO A 40 1.26 -12.50 -12.38
N SER A 41 1.06 -13.76 -11.98
CA SER A 41 1.27 -14.89 -12.87
C SER A 41 -0.06 -15.50 -13.30
N GLY A 42 -0.11 -15.97 -14.54
CA GLY A 42 -1.33 -16.58 -15.04
C GLY A 42 -1.26 -16.88 -16.53
N PRO A 43 -2.35 -17.42 -17.08
CA PRO A 43 -2.43 -17.77 -18.50
C PRO A 43 -2.46 -16.53 -19.40
N SER A 44 -1.58 -16.51 -20.39
CA SER A 44 -1.50 -15.39 -21.32
C SER A 44 -2.67 -15.40 -22.30
N SER A 45 -2.67 -14.45 -23.23
CA SER A 45 -3.74 -14.36 -24.22
C SER A 45 -3.38 -13.36 -25.31
N GLY A 46 -4.20 -13.30 -26.36
CA GLY A 46 -3.94 -12.38 -27.45
C GLY A 46 -4.13 -13.02 -28.81
ZN ZN B . 4.46 -3.72 6.45
N GLY A 1 -12.67 9.80 -17.84
CA GLY A 1 -11.67 9.16 -17.01
C GLY A 1 -10.43 8.77 -17.79
N SER A 2 -9.68 7.80 -17.26
CA SER A 2 -8.45 7.35 -17.91
C SER A 2 -7.52 8.52 -18.19
N SER A 3 -7.58 9.54 -17.34
CA SER A 3 -6.74 10.72 -17.48
C SER A 3 -5.33 10.45 -16.96
N GLY A 4 -5.25 9.67 -15.88
CA GLY A 4 -3.96 9.36 -15.30
C GLY A 4 -3.27 8.21 -16.01
N SER A 5 -2.13 7.78 -15.47
CA SER A 5 -1.37 6.68 -16.05
C SER A 5 -1.50 5.42 -15.21
N SER A 6 -0.88 5.44 -14.03
CA SER A 6 -0.91 4.29 -13.13
C SER A 6 -1.22 4.74 -11.70
N GLY A 7 -0.34 5.57 -11.14
CA GLY A 7 -0.53 6.05 -9.79
C GLY A 7 -1.50 7.22 -9.73
N THR A 8 -2.80 6.92 -9.77
CA THR A 8 -3.82 7.95 -9.71
C THR A 8 -4.41 8.06 -8.32
N GLY A 9 -4.57 6.93 -7.65
CA GLY A 9 -5.12 6.92 -6.31
C GLY A 9 -4.05 6.85 -5.24
N GLU A 10 -3.77 8.00 -4.61
CA GLU A 10 -2.76 8.06 -3.56
C GLU A 10 -3.36 8.59 -2.25
N LYS A 11 -3.93 7.68 -1.47
CA LYS A 11 -4.53 8.05 -0.20
C LYS A 11 -4.75 6.82 0.68
N LEU A 12 -5.20 7.04 1.91
CA LEU A 12 -5.45 5.95 2.84
C LEU A 12 -4.23 5.04 2.95
N TYR A 13 -3.06 5.64 3.10
CA TYR A 13 -1.82 4.87 3.21
C TYR A 13 -1.88 3.91 4.39
N ASN A 14 -1.73 2.62 4.11
CA ASN A 14 -1.76 1.60 5.15
C ASN A 14 -1.11 0.31 4.66
N CYS A 15 -0.22 -0.23 5.49
CA CYS A 15 0.48 -1.47 5.14
C CYS A 15 -0.35 -2.69 5.54
N LYS A 16 -1.24 -3.12 4.66
CA LYS A 16 -2.09 -4.27 4.92
C LYS A 16 -1.29 -5.56 4.88
N GLU A 17 -0.16 -5.52 4.16
CA GLU A 17 0.70 -6.70 4.03
C GLU A 17 1.04 -7.26 5.41
N CYS A 18 1.89 -6.55 6.15
CA CYS A 18 2.30 -6.99 7.47
C CYS A 18 1.37 -6.43 8.54
N GLY A 19 0.73 -5.30 8.23
CA GLY A 19 -0.18 -4.67 9.18
C GLY A 19 0.52 -3.70 10.11
N LYS A 20 1.22 -2.73 9.52
CA LYS A 20 1.93 -1.73 10.30
C LYS A 20 1.56 -0.32 9.86
N SER A 21 0.73 0.35 10.65
CA SER A 21 0.30 1.70 10.34
C SER A 21 1.28 2.73 10.89
N PHE A 22 1.96 3.43 10.00
CA PHE A 22 2.93 4.44 10.39
C PHE A 22 2.26 5.81 10.53
N SER A 23 2.79 6.63 11.43
CA SER A 23 2.25 7.96 11.67
C SER A 23 2.59 8.90 10.51
N ARG A 24 3.80 8.78 9.99
CA ARG A 24 4.25 9.61 8.89
C ARG A 24 3.87 8.99 7.55
N ALA A 25 2.82 9.51 6.93
CA ALA A 25 2.36 9.01 5.64
C ALA A 25 3.50 8.94 4.63
N PRO A 26 4.17 10.09 4.44
CA PRO A 26 5.30 10.18 3.50
C PRO A 26 6.30 9.05 3.69
N CYS A 27 6.41 8.54 4.91
CA CYS A 27 7.34 7.46 5.21
C CYS A 27 6.65 6.10 5.08
N LEU A 28 5.35 6.07 5.37
CA LEU A 28 4.58 4.83 5.29
C LEU A 28 4.67 4.23 3.89
N LEU A 29 4.45 5.06 2.88
CA LEU A 29 4.51 4.62 1.49
C LEU A 29 5.82 3.88 1.22
N LYS A 30 6.90 4.34 1.84
CA LYS A 30 8.20 3.72 1.66
C LYS A 30 8.27 2.37 2.35
N HIS A 31 7.65 2.28 3.52
CA HIS A 31 7.63 1.03 4.28
C HIS A 31 6.94 -0.07 3.49
N GLU A 32 5.92 0.30 2.73
CA GLU A 32 5.18 -0.67 1.92
C GLU A 32 6.09 -1.34 0.90
N ARG A 33 7.04 -0.58 0.37
CA ARG A 33 7.97 -1.10 -0.62
C ARG A 33 8.83 -2.22 -0.02
N LEU A 34 9.10 -2.11 1.27
CA LEU A 34 9.92 -3.11 1.97
C LEU A 34 9.38 -4.52 1.72
N HIS A 35 8.07 -4.62 1.57
CA HIS A 35 7.43 -5.90 1.32
C HIS A 35 7.26 -6.15 -0.17
N SER A 36 8.11 -7.02 -0.72
CA SER A 36 8.06 -7.34 -2.15
C SER A 36 6.84 -8.19 -2.46
N GLY A 37 6.69 -8.54 -3.74
CA GLY A 37 5.56 -9.35 -4.17
C GLY A 37 5.34 -9.31 -5.66
N GLU A 38 5.03 -8.12 -6.17
CA GLU A 38 4.79 -7.94 -7.60
C GLU A 38 5.67 -6.84 -8.17
N LYS A 39 6.85 -6.67 -7.57
CA LYS A 39 7.79 -5.65 -8.02
C LYS A 39 9.23 -6.09 -7.77
N PRO A 40 9.70 -7.07 -8.56
CA PRO A 40 11.06 -7.60 -8.45
C PRO A 40 12.11 -6.60 -8.89
N SER A 41 12.61 -5.80 -7.96
CA SER A 41 13.62 -4.79 -8.27
C SER A 41 14.95 -5.44 -8.62
N GLY A 42 15.96 -4.62 -8.87
CA GLY A 42 17.27 -5.15 -9.21
C GLY A 42 18.01 -5.70 -8.01
N PRO A 43 18.52 -4.81 -7.16
CA PRO A 43 19.26 -5.19 -5.95
C PRO A 43 18.35 -5.83 -4.90
N SER A 44 18.96 -6.55 -3.97
CA SER A 44 18.21 -7.21 -2.91
C SER A 44 19.01 -7.22 -1.60
N SER A 45 18.29 -7.22 -0.48
CA SER A 45 18.93 -7.21 0.83
C SER A 45 18.51 -8.44 1.64
N GLY A 46 18.33 -9.56 0.95
CA GLY A 46 17.93 -10.79 1.61
C GLY A 46 17.33 -11.80 0.66
ZN ZN B . 4.71 -3.43 6.49
N GLY A 1 -35.89 8.02 -6.71
CA GLY A 1 -35.64 9.44 -6.63
C GLY A 1 -34.18 9.77 -6.33
N SER A 2 -33.32 9.49 -7.30
CA SER A 2 -31.90 9.74 -7.14
C SER A 2 -31.15 9.53 -8.45
N SER A 3 -29.85 9.78 -8.43
CA SER A 3 -29.02 9.62 -9.62
C SER A 3 -28.14 8.38 -9.52
N GLY A 4 -27.14 8.45 -8.63
CA GLY A 4 -26.24 7.33 -8.45
C GLY A 4 -24.79 7.76 -8.39
N SER A 5 -24.50 8.75 -7.56
CA SER A 5 -23.14 9.26 -7.42
C SER A 5 -22.43 8.60 -6.24
N SER A 6 -21.61 7.59 -6.54
CA SER A 6 -20.87 6.88 -5.50
C SER A 6 -19.44 6.57 -5.96
N GLY A 7 -18.57 6.30 -5.00
CA GLY A 7 -17.19 5.99 -5.32
C GLY A 7 -16.28 7.20 -5.16
N THR A 8 -15.50 7.21 -4.07
CA THR A 8 -14.59 8.31 -3.81
C THR A 8 -13.39 8.28 -4.77
N GLY A 9 -12.58 9.34 -4.73
CA GLY A 9 -11.43 9.40 -5.60
C GLY A 9 -10.17 9.79 -4.85
N GLU A 10 -9.88 9.06 -3.78
CA GLU A 10 -8.69 9.34 -2.97
C GLU A 10 -8.00 8.04 -2.56
N LYS A 11 -6.86 8.17 -1.89
CA LYS A 11 -6.11 7.01 -1.43
C LYS A 11 -5.90 7.07 0.09
N LEU A 12 -5.56 5.92 0.67
CA LEU A 12 -5.33 5.84 2.11
C LEU A 12 -4.09 5.00 2.41
N TYR A 13 -3.01 5.67 2.82
CA TYR A 13 -1.77 4.98 3.13
C TYR A 13 -1.94 4.05 4.34
N ASN A 14 -1.66 2.77 4.14
CA ASN A 14 -1.78 1.79 5.21
C ASN A 14 -1.26 0.43 4.75
N CYS A 15 -0.23 -0.06 5.44
CA CYS A 15 0.37 -1.35 5.12
C CYS A 15 -0.58 -2.49 5.44
N LYS A 16 -0.68 -3.45 4.54
CA LYS A 16 -1.55 -4.61 4.72
C LYS A 16 -0.74 -5.88 4.90
N GLU A 17 0.43 -5.92 4.27
CA GLU A 17 1.30 -7.09 4.35
C GLU A 17 1.54 -7.48 5.81
N CYS A 18 2.06 -6.55 6.60
CA CYS A 18 2.33 -6.79 8.00
C CYS A 18 1.22 -6.24 8.89
N GLY A 19 0.56 -5.19 8.41
CA GLY A 19 -0.52 -4.59 9.16
C GLY A 19 -0.02 -3.61 10.21
N LYS A 20 0.74 -2.61 9.77
CA LYS A 20 1.27 -1.60 10.67
C LYS A 20 1.09 -0.20 10.10
N SER A 21 0.33 0.63 10.79
CA SER A 21 0.07 1.99 10.36
C SER A 21 1.08 2.96 10.97
N PHE A 22 2.01 3.45 10.16
CA PHE A 22 3.02 4.39 10.62
C PHE A 22 2.41 5.76 10.91
N SER A 23 3.10 6.54 11.74
CA SER A 23 2.62 7.87 12.11
C SER A 23 2.84 8.85 10.96
N ARG A 24 3.91 8.63 10.19
CA ARG A 24 4.23 9.50 9.07
C ARG A 24 3.73 8.89 7.75
N ALA A 25 3.18 9.73 6.88
CA ALA A 25 2.67 9.27 5.60
C ALA A 25 3.81 8.86 4.68
N PRO A 26 4.77 9.78 4.46
CA PRO A 26 5.93 9.53 3.60
C PRO A 26 6.60 8.20 3.90
N CYS A 27 6.98 8.00 5.17
CA CYS A 27 7.63 6.76 5.58
C CYS A 27 6.74 5.56 5.30
N LEU A 28 5.45 5.71 5.56
CA LEU A 28 4.49 4.64 5.34
C LEU A 28 4.49 4.21 3.88
N LEU A 29 4.36 5.17 2.97
CA LEU A 29 4.34 4.90 1.55
C LEU A 29 5.55 4.07 1.15
N LYS A 30 6.72 4.45 1.64
CA LYS A 30 7.96 3.74 1.34
C LYS A 30 7.99 2.37 2.01
N HIS A 31 7.44 2.31 3.23
CA HIS A 31 7.41 1.06 3.98
C HIS A 31 6.64 -0.02 3.20
N GLU A 32 5.56 0.39 2.54
CA GLU A 32 4.75 -0.54 1.76
C GLU A 32 5.56 -1.16 0.63
N ARG A 33 6.55 -0.41 0.13
CA ARG A 33 7.39 -0.88 -0.96
C ARG A 33 8.45 -1.84 -0.44
N LEU A 34 8.91 -1.61 0.79
CA LEU A 34 9.93 -2.47 1.40
C LEU A 34 9.52 -3.93 1.33
N HIS A 35 8.23 -4.19 1.56
CA HIS A 35 7.72 -5.56 1.53
C HIS A 35 7.76 -6.12 0.11
N SER A 36 8.55 -7.17 -0.08
CA SER A 36 8.68 -7.80 -1.39
C SER A 36 8.69 -9.32 -1.27
N GLY A 37 8.61 -10.00 -2.41
CA GLY A 37 8.60 -11.45 -2.41
C GLY A 37 9.97 -12.04 -2.71
N GLU A 38 10.81 -11.27 -3.38
CA GLU A 38 12.15 -11.72 -3.74
C GLU A 38 13.01 -11.87 -2.48
N LYS A 39 13.65 -13.03 -2.35
CA LYS A 39 14.50 -13.31 -1.20
C LYS A 39 15.80 -13.98 -1.64
N PRO A 40 16.82 -13.92 -0.77
CA PRO A 40 18.12 -14.52 -1.05
C PRO A 40 18.08 -16.05 -1.04
N SER A 41 17.02 -16.60 -0.47
CA SER A 41 16.86 -18.05 -0.39
C SER A 41 15.44 -18.45 -0.78
N GLY A 42 15.31 -19.04 -1.96
CA GLY A 42 14.00 -19.48 -2.44
C GLY A 42 13.53 -20.74 -1.75
N PRO A 43 12.29 -21.15 -2.07
CA PRO A 43 11.69 -22.36 -1.49
C PRO A 43 12.35 -23.64 -1.99
N SER A 44 11.77 -24.78 -1.65
CA SER A 44 12.32 -26.07 -2.05
C SER A 44 11.20 -26.99 -2.54
N SER A 45 10.88 -26.89 -3.82
CA SER A 45 9.83 -27.72 -4.41
C SER A 45 10.42 -28.96 -5.06
N GLY A 46 9.76 -30.10 -4.86
CA GLY A 46 10.23 -31.34 -5.44
C GLY A 46 9.47 -31.73 -6.69
ZN ZN B . 4.59 -3.38 6.50
N GLY A 1 -35.90 14.02 -5.48
CA GLY A 1 -35.24 14.28 -6.73
C GLY A 1 -33.83 14.79 -6.54
N SER A 2 -32.85 13.90 -6.75
CA SER A 2 -31.44 14.27 -6.59
C SER A 2 -30.57 13.45 -7.54
N SER A 3 -29.98 14.12 -8.52
CA SER A 3 -29.11 13.45 -9.49
C SER A 3 -27.82 14.23 -9.69
N GLY A 4 -26.70 13.51 -9.77
CA GLY A 4 -25.42 14.14 -9.96
C GLY A 4 -24.29 13.14 -10.03
N SER A 5 -23.29 13.31 -9.16
CA SER A 5 -22.14 12.41 -9.14
C SER A 5 -21.86 11.93 -7.71
N SER A 6 -21.41 10.68 -7.59
CA SER A 6 -21.11 10.10 -6.29
C SER A 6 -19.84 9.26 -6.36
N GLY A 7 -19.46 8.68 -5.22
CA GLY A 7 -18.27 7.85 -5.17
C GLY A 7 -17.00 8.65 -5.41
N THR A 8 -16.49 9.27 -4.35
CA THR A 8 -15.27 10.06 -4.46
C THR A 8 -14.04 9.24 -4.12
N GLY A 9 -13.13 9.11 -5.08
CA GLY A 9 -11.91 8.35 -4.86
C GLY A 9 -10.99 9.00 -3.85
N GLU A 10 -10.58 8.23 -2.85
CA GLU A 10 -9.68 8.74 -1.82
C GLU A 10 -8.53 7.77 -1.55
N LYS A 11 -7.34 8.32 -1.36
CA LYS A 11 -6.15 7.51 -1.10
C LYS A 11 -5.87 7.42 0.39
N LEU A 12 -5.56 6.21 0.86
CA LEU A 12 -5.27 6.00 2.28
C LEU A 12 -4.03 5.12 2.44
N TYR A 13 -2.98 5.69 3.03
CA TYR A 13 -1.74 4.96 3.26
C TYR A 13 -1.86 4.01 4.45
N ASN A 14 -1.81 2.72 4.19
CA ASN A 14 -1.91 1.71 5.24
C ASN A 14 -1.36 0.37 4.78
N CYS A 15 -0.35 -0.14 5.49
CA CYS A 15 0.26 -1.41 5.15
C CYS A 15 -0.69 -2.57 5.43
N LYS A 16 -0.76 -3.51 4.50
CA LYS A 16 -1.63 -4.67 4.65
C LYS A 16 -0.81 -5.95 4.83
N GLU A 17 0.39 -5.96 4.25
CA GLU A 17 1.27 -7.12 4.35
C GLU A 17 1.49 -7.52 5.81
N CYS A 18 1.95 -6.56 6.60
CA CYS A 18 2.22 -6.81 8.02
C CYS A 18 1.09 -6.25 8.88
N GLY A 19 0.41 -5.23 8.36
CA GLY A 19 -0.68 -4.61 9.10
C GLY A 19 -0.18 -3.64 10.16
N LYS A 20 0.57 -2.64 9.74
CA LYS A 20 1.12 -1.64 10.66
C LYS A 20 0.96 -0.24 10.10
N SER A 21 0.24 0.61 10.82
CA SER A 21 0.02 1.99 10.38
C SER A 21 1.09 2.92 10.95
N PHE A 22 1.97 3.39 10.07
CA PHE A 22 3.05 4.29 10.47
C PHE A 22 2.53 5.71 10.68
N SER A 23 3.18 6.45 11.57
CA SER A 23 2.79 7.82 11.87
C SER A 23 3.01 8.72 10.66
N ARG A 24 4.26 8.74 10.18
CA ARG A 24 4.60 9.57 9.02
C ARG A 24 4.06 8.97 7.73
N ALA A 25 3.17 9.71 7.07
CA ALA A 25 2.57 9.25 5.82
C ALA A 25 3.64 8.88 4.80
N PRO A 26 4.54 9.83 4.52
CA PRO A 26 5.64 9.64 3.56
C PRO A 26 6.38 8.32 3.79
N CYS A 27 6.87 8.14 5.01
CA CYS A 27 7.60 6.92 5.36
C CYS A 27 6.76 5.68 5.08
N LEU A 28 5.49 5.74 5.49
CA LEU A 28 4.58 4.62 5.30
C LEU A 28 4.57 4.17 3.83
N LEU A 29 4.43 5.14 2.93
CA LEU A 29 4.40 4.85 1.50
C LEU A 29 5.62 4.03 1.08
N LYS A 30 6.76 4.30 1.72
CA LYS A 30 7.99 3.59 1.42
C LYS A 30 8.00 2.22 2.10
N HIS A 31 7.42 2.15 3.30
CA HIS A 31 7.36 0.91 4.05
C HIS A 31 6.60 -0.17 3.27
N GLU A 32 5.53 0.25 2.60
CA GLU A 32 4.71 -0.68 1.83
C GLU A 32 5.52 -1.27 0.68
N ARG A 33 6.41 -0.47 0.12
CA ARG A 33 7.25 -0.93 -0.99
C ARG A 33 8.43 -1.75 -0.49
N LEU A 34 8.94 -1.38 0.67
CA LEU A 34 10.07 -2.09 1.27
C LEU A 34 9.78 -3.57 1.40
N HIS A 35 8.51 -3.90 1.64
CA HIS A 35 8.10 -5.30 1.78
C HIS A 35 8.41 -6.09 0.52
N SER A 36 7.67 -5.80 -0.55
CA SER A 36 7.87 -6.50 -1.82
C SER A 36 9.32 -6.37 -2.29
N GLY A 37 9.74 -7.31 -3.12
CA GLY A 37 11.10 -7.28 -3.64
C GLY A 37 11.29 -6.23 -4.72
N GLU A 38 12.30 -5.38 -4.54
CA GLU A 38 12.59 -4.32 -5.50
C GLU A 38 14.05 -4.34 -5.91
N LYS A 39 14.66 -5.52 -5.86
CA LYS A 39 16.06 -5.68 -6.22
C LYS A 39 16.27 -6.92 -7.09
N PRO A 40 17.40 -6.96 -7.81
CA PRO A 40 17.74 -8.08 -8.68
C PRO A 40 18.09 -9.35 -7.89
N SER A 41 18.50 -9.16 -6.64
CA SER A 41 18.87 -10.28 -5.79
C SER A 41 17.62 -11.04 -5.33
N GLY A 42 16.53 -10.31 -5.10
CA GLY A 42 15.29 -10.93 -4.67
C GLY A 42 15.33 -11.33 -3.20
N PRO A 43 14.19 -11.81 -2.70
CA PRO A 43 14.06 -12.24 -1.29
C PRO A 43 14.84 -13.52 -1.01
N SER A 44 15.08 -14.31 -2.05
CA SER A 44 15.82 -15.56 -1.91
C SER A 44 17.31 -15.35 -2.15
N SER A 45 18.05 -15.18 -1.07
CA SER A 45 19.49 -14.96 -1.16
C SER A 45 20.24 -16.29 -1.27
N GLY A 46 21.55 -16.22 -1.44
CA GLY A 46 22.36 -17.41 -1.55
C GLY A 46 23.59 -17.38 -0.68
ZN ZN B . 4.49 -3.39 6.61
N GLY A 1 -32.82 16.67 -4.73
CA GLY A 1 -32.09 17.31 -5.82
C GLY A 1 -31.92 16.41 -7.02
N SER A 2 -31.05 16.81 -7.95
CA SER A 2 -30.82 16.05 -9.16
C SER A 2 -29.69 15.04 -8.95
N SER A 3 -28.60 15.51 -8.35
CA SER A 3 -27.45 14.65 -8.08
C SER A 3 -27.42 14.20 -6.63
N GLY A 4 -26.73 13.09 -6.37
CA GLY A 4 -26.65 12.57 -5.02
C GLY A 4 -25.30 12.86 -4.37
N SER A 5 -24.42 11.87 -4.37
CA SER A 5 -23.10 12.01 -3.76
C SER A 5 -22.00 11.80 -4.81
N SER A 6 -20.93 12.56 -4.69
CA SER A 6 -19.81 12.46 -5.63
C SER A 6 -18.63 13.31 -5.16
N GLY A 7 -17.49 12.67 -4.96
CA GLY A 7 -16.30 13.39 -4.52
C GLY A 7 -15.46 12.58 -3.57
N THR A 8 -14.66 11.66 -4.11
CA THR A 8 -13.80 10.81 -3.30
C THR A 8 -12.72 10.15 -4.14
N GLY A 9 -11.46 10.30 -3.74
CA GLY A 9 -10.37 9.70 -4.47
C GLY A 9 -9.04 9.86 -3.76
N GLU A 10 -9.07 9.73 -2.43
CA GLU A 10 -7.86 9.85 -1.62
C GLU A 10 -7.26 8.49 -1.33
N LYS A 11 -5.93 8.40 -1.43
CA LYS A 11 -5.23 7.15 -1.17
C LYS A 11 -4.91 6.99 0.31
N LEU A 12 -5.62 6.09 0.97
CA LEU A 12 -5.41 5.85 2.40
C LEU A 12 -4.17 4.99 2.62
N TYR A 13 -3.07 5.64 3.00
CA TYR A 13 -1.82 4.94 3.26
C TYR A 13 -1.94 3.99 4.45
N ASN A 14 -1.73 2.70 4.21
CA ASN A 14 -1.83 1.70 5.25
C ASN A 14 -1.30 0.36 4.78
N CYS A 15 -0.23 -0.11 5.42
CA CYS A 15 0.38 -1.39 5.05
C CYS A 15 -0.58 -2.54 5.32
N LYS A 16 -0.65 -3.49 4.38
CA LYS A 16 -1.53 -4.64 4.51
C LYS A 16 -0.72 -5.92 4.66
N GLU A 17 0.49 -5.92 4.10
CA GLU A 17 1.36 -7.08 4.18
C GLU A 17 1.56 -7.52 5.62
N CYS A 18 1.93 -6.57 6.47
CA CYS A 18 2.17 -6.86 7.89
C CYS A 18 1.05 -6.26 8.74
N GLY A 19 0.43 -5.21 8.25
CA GLY A 19 -0.65 -4.56 8.98
C GLY A 19 -0.13 -3.63 10.05
N LYS A 20 0.50 -2.54 9.64
CA LYS A 20 1.05 -1.56 10.58
C LYS A 20 0.90 -0.14 10.02
N SER A 21 0.34 0.74 10.84
CA SER A 21 0.13 2.13 10.43
C SER A 21 1.22 3.03 11.03
N PHE A 22 2.09 3.53 10.17
CA PHE A 22 3.18 4.41 10.61
C PHE A 22 2.66 5.82 10.85
N SER A 23 3.38 6.57 11.70
CA SER A 23 2.99 7.93 12.02
C SER A 23 3.09 8.83 10.79
N ARG A 24 4.28 8.92 10.22
CA ARG A 24 4.51 9.74 9.04
C ARG A 24 3.96 9.06 7.79
N ALA A 25 3.08 9.76 7.08
CA ALA A 25 2.49 9.22 5.86
C ALA A 25 3.55 8.92 4.81
N PRO A 26 4.37 9.93 4.48
CA PRO A 26 5.44 9.79 3.50
C PRO A 26 6.29 8.54 3.73
N CYS A 27 6.62 8.28 5.00
CA CYS A 27 7.42 7.12 5.36
C CYS A 27 6.65 5.83 5.11
N LEU A 28 5.38 5.82 5.48
CA LEU A 28 4.54 4.64 5.31
C LEU A 28 4.53 4.19 3.85
N LEU A 29 4.38 5.16 2.95
CA LEU A 29 4.36 4.86 1.52
C LEU A 29 5.63 4.12 1.09
N LYS A 30 6.70 4.35 1.83
CA LYS A 30 7.98 3.70 1.54
C LYS A 30 8.06 2.34 2.19
N HIS A 31 7.37 2.17 3.32
CA HIS A 31 7.37 0.91 4.05
C HIS A 31 6.65 -0.17 3.25
N GLU A 32 5.59 0.21 2.55
CA GLU A 32 4.82 -0.72 1.75
C GLU A 32 5.68 -1.32 0.63
N ARG A 33 6.68 -0.55 0.21
CA ARG A 33 7.57 -1.01 -0.86
C ARG A 33 8.62 -1.97 -0.32
N LEU A 34 9.02 -1.76 0.93
CA LEU A 34 10.02 -2.62 1.56
C LEU A 34 9.63 -4.09 1.45
N HIS A 35 8.35 -4.38 1.69
CA HIS A 35 7.85 -5.75 1.60
C HIS A 35 7.99 -6.30 0.19
N SER A 36 7.50 -7.52 -0.02
CA SER A 36 7.58 -8.15 -1.33
C SER A 36 9.02 -8.20 -1.82
N GLY A 37 9.96 -8.26 -0.88
CA GLY A 37 11.37 -8.31 -1.25
C GLY A 37 12.10 -9.44 -0.56
N GLU A 38 13.06 -10.04 -1.27
CA GLU A 38 13.85 -11.14 -0.72
C GLU A 38 15.33 -10.97 -1.03
N LYS A 39 16.16 -11.16 -0.02
CA LYS A 39 17.61 -11.03 -0.18
C LYS A 39 18.20 -12.28 -0.82
N PRO A 40 19.41 -12.14 -1.39
CA PRO A 40 20.11 -13.24 -2.05
C PRO A 40 20.59 -14.30 -1.06
N SER A 41 19.71 -15.24 -0.73
CA SER A 41 20.04 -16.30 0.21
C SER A 41 20.47 -17.57 -0.52
N GLY A 42 21.64 -17.51 -1.15
CA GLY A 42 22.15 -18.65 -1.88
C GLY A 42 23.13 -18.26 -2.98
N PRO A 43 23.74 -19.26 -3.61
CA PRO A 43 24.71 -19.03 -4.69
C PRO A 43 24.05 -18.48 -5.96
N SER A 44 24.86 -18.24 -6.99
CA SER A 44 24.36 -17.72 -8.25
C SER A 44 23.28 -18.63 -8.82
N SER A 45 22.23 -18.02 -9.36
CA SER A 45 21.12 -18.77 -9.94
C SER A 45 21.38 -19.06 -11.41
N GLY A 46 20.99 -20.25 -11.85
CA GLY A 46 21.18 -20.63 -13.23
C GLY A 46 20.20 -19.95 -14.17
ZN ZN B . 4.51 -3.55 6.54
N GLY A 1 -25.02 12.61 -18.43
CA GLY A 1 -23.72 11.98 -18.57
C GLY A 1 -22.64 12.70 -17.80
N SER A 2 -22.94 13.08 -16.56
CA SER A 2 -21.98 13.79 -15.73
C SER A 2 -21.12 12.80 -14.93
N SER A 3 -19.89 13.22 -14.62
CA SER A 3 -18.97 12.37 -13.87
C SER A 3 -18.77 12.90 -12.46
N GLY A 4 -18.85 14.23 -12.32
CA GLY A 4 -18.67 14.84 -11.01
C GLY A 4 -17.67 15.98 -11.04
N SER A 5 -16.41 15.66 -10.77
CA SER A 5 -15.35 16.67 -10.76
C SER A 5 -14.03 16.08 -11.23
N SER A 6 -13.01 16.92 -11.32
CA SER A 6 -11.69 16.48 -11.76
C SER A 6 -10.86 15.97 -10.59
N GLY A 7 -10.92 14.66 -10.36
CA GLY A 7 -10.17 14.06 -9.27
C GLY A 7 -10.64 14.54 -7.91
N THR A 8 -9.88 15.46 -7.31
CA THR A 8 -10.22 16.00 -6.00
C THR A 8 -10.34 14.89 -4.97
N GLY A 9 -9.61 13.80 -5.17
CA GLY A 9 -9.65 12.69 -4.25
C GLY A 9 -8.37 12.55 -3.45
N GLU A 10 -8.32 11.56 -2.58
CA GLU A 10 -7.15 11.34 -1.74
C GLU A 10 -6.81 9.85 -1.67
N LYS A 11 -5.65 9.54 -1.09
CA LYS A 11 -5.21 8.15 -0.98
C LYS A 11 -5.00 7.78 0.49
N LEU A 12 -5.43 6.56 0.85
CA LEU A 12 -5.30 6.08 2.21
C LEU A 12 -4.05 5.21 2.36
N TYR A 13 -3.05 5.75 3.06
CA TYR A 13 -1.80 5.02 3.27
C TYR A 13 -1.94 4.04 4.43
N ASN A 14 -1.58 2.79 4.17
CA ASN A 14 -1.66 1.75 5.19
C ASN A 14 -1.10 0.43 4.66
N CYS A 15 -0.29 -0.24 5.47
CA CYS A 15 0.31 -1.51 5.09
C CYS A 15 -0.66 -2.67 5.34
N LYS A 16 -0.68 -3.62 4.41
CA LYS A 16 -1.57 -4.77 4.54
C LYS A 16 -0.76 -6.06 4.75
N GLU A 17 0.49 -6.05 4.28
CA GLU A 17 1.35 -7.21 4.43
C GLU A 17 1.50 -7.60 5.90
N CYS A 18 2.04 -6.68 6.69
CA CYS A 18 2.24 -6.94 8.11
C CYS A 18 1.13 -6.29 8.94
N GLY A 19 0.52 -5.24 8.38
CA GLY A 19 -0.55 -4.55 9.08
C GLY A 19 -0.02 -3.60 10.14
N LYS A 20 0.73 -2.59 9.71
CA LYS A 20 1.29 -1.60 10.63
C LYS A 20 1.08 -0.19 10.11
N SER A 21 0.26 0.59 10.82
CA SER A 21 -0.02 1.96 10.43
C SER A 21 0.99 2.92 11.04
N PHE A 22 1.95 3.35 10.24
CA PHE A 22 2.98 4.27 10.70
C PHE A 22 2.39 5.65 10.98
N SER A 23 3.14 6.48 11.69
CA SER A 23 2.70 7.82 12.04
C SER A 23 2.82 8.76 10.85
N ARG A 24 3.99 8.74 10.21
CA ARG A 24 4.25 9.58 9.06
C ARG A 24 3.70 8.96 7.78
N ALA A 25 3.21 9.80 6.88
CA ALA A 25 2.65 9.32 5.61
C ALA A 25 3.76 8.98 4.62
N PRO A 26 4.64 9.95 4.37
CA PRO A 26 5.77 9.76 3.43
C PRO A 26 6.52 8.47 3.68
N CYS A 27 6.89 8.24 4.94
CA CYS A 27 7.63 7.04 5.31
C CYS A 27 6.79 5.79 5.08
N LEU A 28 5.52 5.86 5.49
CA LEU A 28 4.60 4.73 5.33
C LEU A 28 4.58 4.25 3.89
N LEU A 29 4.41 5.19 2.96
CA LEU A 29 4.37 4.86 1.54
C LEU A 29 5.63 4.09 1.12
N LYS A 30 6.73 4.33 1.83
CA LYS A 30 7.99 3.67 1.53
C LYS A 30 8.03 2.28 2.15
N HIS A 31 7.39 2.12 3.31
CA HIS A 31 7.34 0.84 4.00
C HIS A 31 6.61 -0.20 3.17
N GLU A 32 5.47 0.19 2.62
CA GLU A 32 4.67 -0.72 1.80
C GLU A 32 5.48 -1.24 0.62
N ARG A 33 6.48 -0.47 0.20
CA ARG A 33 7.33 -0.85 -0.91
C ARG A 33 8.44 -1.80 -0.45
N LEU A 34 8.95 -1.55 0.74
CA LEU A 34 10.02 -2.38 1.30
C LEU A 34 9.61 -3.85 1.33
N HIS A 35 8.33 -4.10 1.57
CA HIS A 35 7.80 -5.46 1.62
C HIS A 35 7.99 -6.16 0.28
N SER A 36 8.80 -7.22 0.28
CA SER A 36 9.06 -7.98 -0.93
C SER A 36 7.82 -8.74 -1.38
N GLY A 37 7.78 -9.10 -2.67
CA GLY A 37 6.65 -9.83 -3.20
C GLY A 37 7.06 -10.89 -4.20
N GLU A 38 7.56 -10.45 -5.36
CA GLU A 38 8.00 -11.37 -6.40
C GLU A 38 9.26 -12.10 -5.99
N LYS A 39 9.16 -13.43 -5.84
CA LYS A 39 10.30 -14.24 -5.45
C LYS A 39 11.32 -14.33 -6.58
N PRO A 40 12.57 -14.69 -6.23
CA PRO A 40 13.66 -14.81 -7.19
C PRO A 40 13.47 -16.01 -8.14
N SER A 41 14.13 -15.96 -9.29
CA SER A 41 14.02 -17.02 -10.27
C SER A 41 15.25 -17.94 -10.21
N GLY A 42 15.12 -19.02 -9.44
CA GLY A 42 16.22 -19.96 -9.31
C GLY A 42 17.30 -19.45 -8.38
N PRO A 43 18.42 -20.19 -8.31
CA PRO A 43 19.55 -19.84 -7.46
C PRO A 43 20.30 -18.60 -7.96
N SER A 44 20.59 -18.59 -9.27
CA SER A 44 21.29 -17.47 -9.87
C SER A 44 20.32 -16.48 -10.50
N SER A 45 20.80 -15.29 -10.82
CA SER A 45 19.96 -14.26 -11.42
C SER A 45 19.27 -14.78 -12.66
N GLY A 46 18.20 -14.10 -13.08
CA GLY A 46 17.46 -14.51 -14.25
C GLY A 46 16.90 -13.33 -15.03
ZN ZN B . 4.33 -3.71 6.63
N GLY A 1 -28.65 4.04 -5.79
CA GLY A 1 -28.12 3.50 -7.02
C GLY A 1 -26.61 3.51 -7.09
N SER A 2 -26.02 4.62 -6.64
CA SER A 2 -24.58 4.77 -6.64
C SER A 2 -24.05 5.00 -5.22
N SER A 3 -23.13 4.14 -4.79
CA SER A 3 -22.55 4.24 -3.46
C SER A 3 -21.04 4.49 -3.54
N GLY A 4 -20.33 3.54 -4.13
CA GLY A 4 -18.89 3.66 -4.26
C GLY A 4 -18.49 4.64 -5.35
N SER A 5 -18.10 5.84 -4.95
CA SER A 5 -17.69 6.87 -5.90
C SER A 5 -16.45 6.44 -6.67
N SER A 6 -16.22 7.07 -7.82
CA SER A 6 -15.07 6.76 -8.65
C SER A 6 -13.86 7.58 -8.23
N GLY A 7 -12.75 6.89 -7.97
CA GLY A 7 -11.54 7.58 -7.56
C GLY A 7 -10.29 6.95 -8.16
N THR A 8 -9.41 7.79 -8.70
CA THR A 8 -8.18 7.31 -9.31
C THR A 8 -6.98 8.12 -8.84
N GLY A 9 -6.57 7.89 -7.59
CA GLY A 9 -5.44 8.61 -7.04
C GLY A 9 -4.70 7.81 -5.98
N GLU A 10 -4.12 8.51 -5.01
CA GLU A 10 -3.38 7.86 -3.94
C GLU A 10 -3.75 8.46 -2.59
N LYS A 11 -4.33 7.63 -1.72
CA LYS A 11 -4.73 8.08 -0.39
C LYS A 11 -4.97 6.89 0.53
N LEU A 12 -5.27 7.17 1.79
CA LEU A 12 -5.52 6.12 2.78
C LEU A 12 -4.32 5.19 2.89
N TYR A 13 -3.14 5.77 3.11
CA TYR A 13 -1.92 4.98 3.24
C TYR A 13 -2.00 4.03 4.43
N ASN A 14 -1.90 2.74 4.15
CA ASN A 14 -1.96 1.72 5.20
C ASN A 14 -1.33 0.42 4.73
N CYS A 15 -0.42 -0.12 5.54
CA CYS A 15 0.25 -1.37 5.21
C CYS A 15 -0.63 -2.56 5.55
N LYS A 16 -0.80 -3.45 4.57
CA LYS A 16 -1.61 -4.65 4.76
C LYS A 16 -0.73 -5.90 4.83
N GLU A 17 0.45 -5.83 4.23
CA GLU A 17 1.37 -6.95 4.22
C GLU A 17 1.65 -7.44 5.63
N CYS A 18 2.05 -6.52 6.51
CA CYS A 18 2.33 -6.86 7.89
C CYS A 18 1.25 -6.32 8.83
N GLY A 19 0.58 -5.26 8.40
CA GLY A 19 -0.47 -4.67 9.21
C GLY A 19 0.07 -3.66 10.19
N LYS A 20 0.72 -2.62 9.68
CA LYS A 20 1.28 -1.58 10.53
C LYS A 20 1.01 -0.19 9.94
N SER A 21 0.34 0.65 10.71
CA SER A 21 0.03 2.01 10.26
C SER A 21 1.01 3.02 10.85
N PHE A 22 1.99 3.42 10.05
CA PHE A 22 2.99 4.39 10.50
C PHE A 22 2.37 5.77 10.68
N SER A 23 2.92 6.54 11.61
CA SER A 23 2.42 7.88 11.88
C SER A 23 2.65 8.80 10.70
N ARG A 24 3.85 8.72 10.11
CA ARG A 24 4.20 9.55 8.96
C ARG A 24 3.76 8.89 7.66
N ALA A 25 3.04 9.64 6.84
CA ALA A 25 2.57 9.12 5.56
C ALA A 25 3.73 8.84 4.62
N PRO A 26 4.57 9.86 4.38
CA PRO A 26 5.73 9.74 3.50
C PRO A 26 6.56 8.51 3.79
N CYS A 27 6.70 8.18 5.07
CA CYS A 27 7.48 7.01 5.49
C CYS A 27 6.69 5.73 5.25
N LEU A 28 5.37 5.80 5.44
CA LEU A 28 4.51 4.64 5.24
C LEU A 28 4.56 4.16 3.79
N LEU A 29 4.38 5.08 2.86
CA LEU A 29 4.41 4.75 1.44
C LEU A 29 5.69 4.00 1.08
N LYS A 30 6.79 4.38 1.73
CA LYS A 30 8.08 3.74 1.48
C LYS A 30 8.16 2.39 2.18
N HIS A 31 7.45 2.26 3.30
CA HIS A 31 7.43 1.01 4.06
C HIS A 31 6.76 -0.10 3.26
N GLU A 32 5.75 0.26 2.48
CA GLU A 32 5.02 -0.71 1.66
C GLU A 32 5.92 -1.29 0.58
N ARG A 33 6.92 -0.51 0.17
CA ARG A 33 7.85 -0.95 -0.87
C ARG A 33 8.80 -2.02 -0.33
N LEU A 34 9.22 -1.85 0.92
CA LEU A 34 10.14 -2.80 1.56
C LEU A 34 9.59 -4.22 1.47
N HIS A 35 8.26 -4.34 1.52
CA HIS A 35 7.61 -5.65 1.45
C HIS A 35 7.71 -6.22 0.04
N SER A 36 8.30 -7.41 -0.07
CA SER A 36 8.46 -8.06 -1.36
C SER A 36 7.27 -8.98 -1.66
N GLY A 37 6.09 -8.37 -1.80
CA GLY A 37 4.89 -9.14 -2.08
C GLY A 37 4.38 -8.93 -3.49
N GLU A 38 3.70 -7.80 -3.70
CA GLU A 38 3.16 -7.48 -5.01
C GLU A 38 3.95 -6.35 -5.67
N LYS A 39 4.41 -6.59 -6.90
CA LYS A 39 5.18 -5.61 -7.64
C LYS A 39 4.74 -5.55 -9.10
N PRO A 40 5.07 -4.44 -9.77
CA PRO A 40 4.72 -4.24 -11.19
C PRO A 40 5.51 -5.16 -12.12
N SER A 41 5.21 -5.07 -13.41
CA SER A 41 5.89 -5.90 -14.40
C SER A 41 6.91 -5.08 -15.18
N GLY A 42 8.03 -5.71 -15.52
CA GLY A 42 9.07 -5.02 -16.27
C GLY A 42 10.11 -5.97 -16.82
N PRO A 43 10.98 -6.49 -15.94
CA PRO A 43 12.04 -7.42 -16.32
C PRO A 43 11.50 -8.78 -16.72
N SER A 44 11.43 -9.03 -18.03
CA SER A 44 10.91 -10.29 -18.54
C SER A 44 11.84 -10.84 -19.63
N SER A 45 11.44 -11.97 -20.22
CA SER A 45 12.23 -12.60 -21.27
C SER A 45 12.48 -11.63 -22.42
N GLY A 46 13.75 -11.46 -22.76
CA GLY A 46 14.10 -10.56 -23.84
C GLY A 46 13.45 -10.94 -25.16
ZN ZN B . 4.41 -3.36 6.65
N GLY A 1 -34.80 13.41 0.00
CA GLY A 1 -34.55 12.09 0.55
C GLY A 1 -33.57 12.11 1.70
N SER A 2 -33.09 10.93 2.09
CA SER A 2 -32.15 10.82 3.19
C SER A 2 -30.71 10.79 2.68
N SER A 3 -29.81 11.42 3.42
CA SER A 3 -28.41 11.48 3.03
C SER A 3 -27.52 11.79 4.23
N GLY A 4 -26.23 11.52 4.10
CA GLY A 4 -25.30 11.78 5.19
C GLY A 4 -23.88 11.36 4.85
N SER A 5 -22.91 12.19 5.22
CA SER A 5 -21.51 11.89 4.94
C SER A 5 -20.60 12.76 5.81
N SER A 6 -19.47 12.19 6.21
CA SER A 6 -18.52 12.91 7.06
C SER A 6 -17.11 12.33 6.90
N GLY A 7 -16.18 13.14 6.40
CA GLY A 7 -14.82 12.69 6.20
C GLY A 7 -14.08 13.52 5.18
N THR A 8 -12.92 14.04 5.57
CA THR A 8 -12.11 14.86 4.68
C THR A 8 -10.79 14.19 4.37
N GLY A 9 -10.04 14.76 3.41
CA GLY A 9 -8.76 14.20 3.04
C GLY A 9 -8.88 13.10 2.00
N GLU A 10 -7.93 13.06 1.07
CA GLU A 10 -7.95 12.05 0.02
C GLU A 10 -6.74 11.13 0.14
N LYS A 11 -6.21 10.99 1.35
CA LYS A 11 -5.06 10.14 1.60
C LYS A 11 -5.49 8.76 2.06
N LEU A 12 -4.78 7.73 1.59
CA LEU A 12 -5.10 6.35 1.95
C LEU A 12 -3.84 5.50 1.98
N TYR A 13 -3.10 5.56 3.08
CA TYR A 13 -1.87 4.80 3.22
C TYR A 13 -1.93 3.89 4.45
N ASN A 14 -1.63 2.62 4.26
CA ASN A 14 -1.66 1.64 5.34
C ASN A 14 -1.08 0.30 4.90
N CYS A 15 -0.02 -0.13 5.59
CA CYS A 15 0.64 -1.39 5.26
C CYS A 15 -0.33 -2.57 5.45
N LYS A 16 -0.48 -3.37 4.40
CA LYS A 16 -1.37 -4.52 4.45
C LYS A 16 -0.57 -5.81 4.58
N GLU A 17 0.67 -5.79 4.10
CA GLU A 17 1.54 -6.96 4.19
C GLU A 17 1.65 -7.47 5.62
N CYS A 18 2.27 -6.66 6.47
CA CYS A 18 2.45 -7.03 7.88
C CYS A 18 1.30 -6.49 8.72
N GLY A 19 0.68 -5.41 8.26
CA GLY A 19 -0.43 -4.82 8.98
C GLY A 19 0.03 -3.85 10.06
N LYS A 20 0.49 -2.70 9.63
CA LYS A 20 0.97 -1.67 10.56
C LYS A 20 0.76 -0.27 10.00
N SER A 21 0.31 0.65 10.86
CA SER A 21 0.07 2.03 10.44
C SER A 21 1.07 2.98 11.09
N PHE A 22 1.97 3.51 10.27
CA PHE A 22 2.99 4.44 10.76
C PHE A 22 2.39 5.82 11.03
N SER A 23 3.19 6.71 11.60
CA SER A 23 2.73 8.06 11.91
C SER A 23 2.98 9.00 10.73
N ARG A 24 4.09 8.78 10.04
CA ARG A 24 4.46 9.61 8.89
C ARG A 24 3.99 8.97 7.59
N ALA A 25 3.04 9.62 6.92
CA ALA A 25 2.51 9.11 5.66
C ALA A 25 3.62 8.87 4.65
N PRO A 26 4.41 9.92 4.39
CA PRO A 26 5.53 9.86 3.44
C PRO A 26 6.41 8.63 3.67
N CYS A 27 6.47 8.18 4.91
CA CYS A 27 7.28 7.01 5.25
C CYS A 27 6.48 5.73 5.12
N LEU A 28 5.18 5.82 5.44
CA LEU A 28 4.30 4.66 5.35
C LEU A 28 4.27 4.09 3.93
N LEU A 29 4.25 4.99 2.95
CA LEU A 29 4.23 4.58 1.56
C LEU A 29 5.47 3.77 1.20
N LYS A 30 6.63 4.23 1.68
CA LYS A 30 7.89 3.55 1.42
C LYS A 30 7.93 2.20 2.13
N HIS A 31 7.49 2.17 3.37
CA HIS A 31 7.47 0.95 4.17
C HIS A 31 6.69 -0.15 3.45
N GLU A 32 5.59 0.24 2.82
CA GLU A 32 4.75 -0.72 2.10
C GLU A 32 5.49 -1.30 0.90
N ARG A 33 6.42 -0.52 0.35
CA ARG A 33 7.19 -0.96 -0.81
C ARG A 33 8.32 -1.90 -0.37
N LEU A 34 8.84 -1.69 0.83
CA LEU A 34 9.91 -2.52 1.36
C LEU A 34 9.54 -3.99 1.31
N HIS A 35 8.31 -4.29 1.70
CA HIS A 35 7.82 -5.67 1.69
C HIS A 35 7.82 -6.24 0.29
N SER A 36 8.84 -7.03 -0.03
CA SER A 36 8.97 -7.64 -1.35
C SER A 36 7.85 -8.66 -1.59
N GLY A 37 7.85 -9.72 -0.79
CA GLY A 37 6.84 -10.75 -0.92
C GLY A 37 7.41 -12.06 -1.45
N GLU A 38 6.56 -13.07 -1.56
CA GLU A 38 6.98 -14.38 -2.04
C GLU A 38 6.40 -14.65 -3.43
N LYS A 39 7.08 -15.52 -4.19
CA LYS A 39 6.64 -15.87 -5.53
C LYS A 39 6.52 -14.63 -6.41
N PRO A 40 7.67 -14.05 -6.76
CA PRO A 40 7.72 -12.84 -7.60
C PRO A 40 7.32 -13.13 -9.04
N SER A 41 6.86 -12.09 -9.74
CA SER A 41 6.44 -12.23 -11.13
C SER A 41 7.37 -11.47 -12.05
N GLY A 42 8.01 -12.18 -12.96
CA GLY A 42 8.93 -11.56 -13.90
C GLY A 42 10.12 -12.44 -14.24
N PRO A 43 11.10 -11.87 -14.94
CA PRO A 43 12.31 -12.59 -15.34
C PRO A 43 13.21 -12.91 -14.15
N SER A 44 13.29 -14.19 -13.81
CA SER A 44 14.11 -14.63 -12.69
C SER A 44 15.59 -14.58 -13.04
N SER A 45 16.32 -13.67 -12.40
CA SER A 45 17.74 -13.51 -12.65
C SER A 45 18.57 -14.28 -11.62
N GLY A 46 19.65 -14.91 -12.08
CA GLY A 46 20.51 -15.66 -11.19
C GLY A 46 21.97 -15.46 -11.48
ZN ZN B . 4.73 -3.49 6.84
N GLY A 1 -24.45 10.93 -20.68
CA GLY A 1 -23.15 11.59 -20.71
C GLY A 1 -22.09 10.80 -19.96
N SER A 2 -21.05 11.49 -19.51
CA SER A 2 -19.96 10.85 -18.78
C SER A 2 -19.62 11.63 -17.51
N SER A 3 -20.22 11.23 -16.40
CA SER A 3 -19.99 11.89 -15.13
C SER A 3 -19.72 10.87 -14.02
N GLY A 4 -18.62 10.14 -14.14
CA GLY A 4 -18.27 9.14 -13.15
C GLY A 4 -16.84 8.67 -13.26
N SER A 5 -15.90 9.62 -13.15
CA SER A 5 -14.48 9.30 -13.25
C SER A 5 -13.87 9.13 -11.86
N SER A 6 -13.68 7.88 -11.46
CA SER A 6 -13.11 7.57 -10.16
C SER A 6 -11.67 8.05 -10.07
N GLY A 7 -11.24 8.44 -8.88
CA GLY A 7 -9.88 8.90 -8.69
C GLY A 7 -9.73 9.75 -7.43
N THR A 8 -8.49 10.00 -7.04
CA THR A 8 -8.20 10.80 -5.85
C THR A 8 -6.73 11.11 -5.74
N GLY A 9 -6.40 12.26 -5.13
CA GLY A 9 -5.02 12.66 -4.97
C GLY A 9 -4.33 11.90 -3.86
N GLU A 10 -4.88 11.98 -2.66
CA GLU A 10 -4.30 11.29 -1.51
C GLU A 10 -5.08 10.02 -1.18
N LYS A 11 -4.39 8.90 -1.17
CA LYS A 11 -5.01 7.61 -0.87
C LYS A 11 -4.76 7.21 0.58
N LEU A 12 -5.53 6.24 1.06
CA LEU A 12 -5.39 5.76 2.43
C LEU A 12 -4.13 4.89 2.57
N TYR A 13 -3.07 5.49 3.10
CA TYR A 13 -1.81 4.77 3.29
C TYR A 13 -1.90 3.85 4.50
N ASN A 14 -1.73 2.55 4.25
CA ASN A 14 -1.78 1.55 5.32
C ASN A 14 -1.20 0.22 4.85
N CYS A 15 -0.13 -0.20 5.49
CA CYS A 15 0.53 -1.46 5.14
C CYS A 15 -0.36 -2.65 5.49
N LYS A 16 -1.14 -3.11 4.52
CA LYS A 16 -2.04 -4.25 4.73
C LYS A 16 -1.25 -5.54 4.84
N GLU A 17 -0.07 -5.58 4.22
CA GLU A 17 0.77 -6.76 4.27
C GLU A 17 1.00 -7.23 5.70
N CYS A 18 1.83 -6.49 6.43
CA CYS A 18 2.14 -6.83 7.81
C CYS A 18 1.05 -6.31 8.75
N GLY A 19 0.37 -5.25 8.33
CA GLY A 19 -0.69 -4.68 9.14
C GLY A 19 -0.17 -3.66 10.13
N LYS A 20 0.54 -2.66 9.63
CA LYS A 20 1.10 -1.61 10.49
C LYS A 20 0.72 -0.23 9.97
N SER A 21 0.48 0.70 10.89
CA SER A 21 0.11 2.06 10.52
C SER A 21 1.13 3.07 11.05
N PHE A 22 2.12 3.38 10.22
CA PHE A 22 3.17 4.32 10.60
C PHE A 22 2.58 5.71 10.85
N SER A 23 3.25 6.48 11.70
CA SER A 23 2.80 7.83 12.02
C SER A 23 3.08 8.79 10.88
N ARG A 24 4.13 8.51 10.12
CA ARG A 24 4.51 9.35 8.99
C ARG A 24 4.01 8.76 7.68
N ALA A 25 3.06 9.46 7.05
CA ALA A 25 2.49 9.00 5.79
C ALA A 25 3.58 8.80 4.74
N PRO A 26 4.37 9.87 4.50
CA PRO A 26 5.46 9.84 3.52
C PRO A 26 6.34 8.61 3.66
N CYS A 27 6.67 8.27 4.90
CA CYS A 27 7.51 7.11 5.19
C CYS A 27 6.74 5.81 4.98
N LEU A 28 5.46 5.83 5.34
CA LEU A 28 4.61 4.65 5.18
C LEU A 28 4.60 4.16 3.74
N LEU A 29 4.40 5.09 2.81
CA LEU A 29 4.38 4.75 1.39
C LEU A 29 5.65 4.02 0.98
N LYS A 30 6.75 4.32 1.67
CA LYS A 30 8.03 3.68 1.37
C LYS A 30 8.13 2.32 2.06
N HIS A 31 7.50 2.21 3.22
CA HIS A 31 7.52 0.96 3.98
C HIS A 31 6.79 -0.15 3.22
N GLU A 32 5.66 0.20 2.61
CA GLU A 32 4.86 -0.76 1.85
C GLU A 32 5.68 -1.33 0.69
N ARG A 33 6.62 -0.54 0.19
CA ARG A 33 7.47 -0.97 -0.92
C ARG A 33 8.66 -1.79 -0.42
N LEU A 34 9.12 -1.48 0.79
CA LEU A 34 10.25 -2.18 1.38
C LEU A 34 9.97 -3.67 1.46
N HIS A 35 8.71 -4.03 1.73
CA HIS A 35 8.31 -5.43 1.83
C HIS A 35 8.62 -6.18 0.53
N SER A 36 9.72 -6.93 0.54
CA SER A 36 10.13 -7.70 -0.62
C SER A 36 10.73 -9.03 -0.22
N GLY A 37 10.42 -10.08 -0.99
CA GLY A 37 10.94 -11.40 -0.69
C GLY A 37 12.08 -11.79 -1.60
N GLU A 38 11.81 -12.71 -2.53
CA GLU A 38 12.83 -13.18 -3.45
C GLU A 38 12.51 -12.73 -4.87
N LYS A 39 11.25 -12.90 -5.28
CA LYS A 39 10.82 -12.52 -6.62
C LYS A 39 9.43 -11.90 -6.57
N PRO A 40 9.07 -11.16 -7.63
CA PRO A 40 7.77 -10.49 -7.74
C PRO A 40 6.63 -11.49 -7.94
N SER A 41 6.95 -12.64 -8.55
CA SER A 41 5.96 -13.66 -8.80
C SER A 41 6.00 -14.74 -7.72
N GLY A 42 4.92 -15.50 -7.61
CA GLY A 42 4.84 -16.56 -6.61
C GLY A 42 5.44 -17.86 -7.12
N PRO A 43 5.50 -18.87 -6.22
CA PRO A 43 6.04 -20.18 -6.55
C PRO A 43 5.16 -20.95 -7.52
N SER A 44 5.72 -21.99 -8.14
CA SER A 44 4.98 -22.81 -9.09
C SER A 44 5.62 -24.19 -9.25
N SER A 45 4.83 -25.23 -9.02
CA SER A 45 5.32 -26.60 -9.13
C SER A 45 4.76 -27.28 -10.38
N GLY A 46 5.33 -28.43 -10.72
CA GLY A 46 4.89 -29.16 -11.89
C GLY A 46 5.57 -30.50 -12.04
ZN ZN B . 4.74 -3.44 6.59
N GLY A 1 -31.25 15.58 -4.48
CA GLY A 1 -30.43 16.06 -5.58
C GLY A 1 -28.99 15.62 -5.49
N SER A 2 -28.30 15.61 -6.62
CA SER A 2 -26.90 15.19 -6.65
C SER A 2 -25.99 16.34 -6.27
N SER A 3 -25.40 16.25 -5.07
CA SER A 3 -24.51 17.29 -4.58
C SER A 3 -23.25 16.67 -3.98
N GLY A 4 -23.42 15.61 -3.21
CA GLY A 4 -22.29 14.94 -2.59
C GLY A 4 -21.35 14.31 -3.61
N SER A 5 -20.14 14.85 -3.70
CA SER A 5 -19.15 14.35 -4.64
C SER A 5 -18.15 13.42 -3.95
N SER A 6 -17.98 12.22 -4.52
CA SER A 6 -17.06 11.24 -3.96
C SER A 6 -15.84 11.06 -4.86
N GLY A 7 -15.37 12.14 -5.46
CA GLY A 7 -14.23 12.07 -6.34
C GLY A 7 -12.92 12.31 -5.61
N THR A 8 -12.46 11.29 -4.89
CA THR A 8 -11.21 11.40 -4.13
C THR A 8 -10.10 10.62 -4.81
N GLY A 9 -9.15 11.34 -5.40
CA GLY A 9 -8.03 10.69 -6.07
C GLY A 9 -7.03 10.09 -5.10
N GLU A 10 -6.86 10.75 -3.96
CA GLU A 10 -5.93 10.27 -2.94
C GLU A 10 -6.47 9.02 -2.24
N LYS A 11 -5.59 8.29 -1.57
CA LYS A 11 -5.97 7.08 -0.86
C LYS A 11 -5.45 7.11 0.57
N LEU A 12 -6.07 6.31 1.43
CA LEU A 12 -5.68 6.24 2.83
C LEU A 12 -4.46 5.33 3.01
N TYR A 13 -3.29 5.93 3.13
CA TYR A 13 -2.05 5.17 3.30
C TYR A 13 -2.17 4.20 4.48
N ASN A 14 -1.76 2.96 4.25
CA ASN A 14 -1.81 1.94 5.29
C ASN A 14 -1.16 0.65 4.82
N CYS A 15 -0.41 0.00 5.70
CA CYS A 15 0.27 -1.25 5.37
C CYS A 15 -0.64 -2.45 5.65
N LYS A 16 -0.71 -3.37 4.70
CA LYS A 16 -1.54 -4.56 4.85
C LYS A 16 -0.68 -5.82 4.86
N GLU A 17 0.48 -5.74 4.23
CA GLU A 17 1.40 -6.87 4.17
C GLU A 17 1.69 -7.41 5.56
N CYS A 18 2.17 -6.54 6.44
CA CYS A 18 2.49 -6.93 7.81
C CYS A 18 1.38 -6.51 8.77
N GLY A 19 0.64 -5.47 8.40
CA GLY A 19 -0.43 -4.98 9.24
C GLY A 19 0.03 -3.94 10.24
N LYS A 20 0.93 -3.06 9.81
CA LYS A 20 1.45 -2.02 10.67
C LYS A 20 1.34 -0.66 10.01
N SER A 21 0.37 0.14 10.44
CA SER A 21 0.16 1.47 9.87
C SER A 21 0.98 2.51 10.63
N PHE A 22 1.99 3.05 9.96
CA PHE A 22 2.86 4.05 10.56
C PHE A 22 2.11 5.37 10.77
N SER A 23 2.81 6.38 11.27
CA SER A 23 2.21 7.68 11.53
C SER A 23 2.87 8.76 10.67
N ARG A 24 3.38 8.36 9.51
CA ARG A 24 4.04 9.30 8.60
C ARG A 24 3.50 9.15 7.18
N ALA A 25 3.62 10.20 6.39
CA ALA A 25 3.16 10.18 5.01
C ALA A 25 4.14 9.45 4.11
N PRO A 26 5.40 9.90 4.11
CA PRO A 26 6.45 9.30 3.30
C PRO A 26 6.97 7.99 3.89
N CYS A 27 7.16 7.97 5.20
CA CYS A 27 7.65 6.77 5.88
C CYS A 27 6.69 5.60 5.67
N LEU A 28 5.41 5.91 5.48
CA LEU A 28 4.41 4.88 5.27
C LEU A 28 4.38 4.44 3.81
N LEU A 29 4.26 5.40 2.90
CA LEU A 29 4.22 5.12 1.48
C LEU A 29 5.48 4.38 1.03
N LYS A 30 6.56 4.58 1.78
CA LYS A 30 7.84 3.93 1.47
C LYS A 30 7.90 2.54 2.10
N HIS A 31 7.51 2.44 3.37
CA HIS A 31 7.52 1.17 4.07
C HIS A 31 6.78 0.10 3.28
N GLU A 32 5.69 0.49 2.65
CA GLU A 32 4.89 -0.44 1.86
C GLU A 32 5.75 -1.13 0.81
N ARG A 33 6.79 -0.44 0.35
CA ARG A 33 7.68 -0.99 -0.66
C ARG A 33 8.63 -2.02 -0.04
N LEU A 34 8.99 -1.81 1.23
CA LEU A 34 9.89 -2.71 1.94
C LEU A 34 9.41 -4.15 1.82
N HIS A 35 8.10 -4.33 1.73
CA HIS A 35 7.51 -5.66 1.61
C HIS A 35 7.49 -6.13 0.16
N SER A 36 6.93 -7.31 -0.07
CA SER A 36 6.85 -7.87 -1.42
C SER A 36 5.47 -7.63 -2.03
N GLY A 37 5.33 -7.95 -3.31
CA GLY A 37 4.06 -7.77 -3.99
C GLY A 37 4.20 -7.03 -5.30
N GLU A 38 4.77 -7.69 -6.29
CA GLU A 38 4.96 -7.08 -7.61
C GLU A 38 3.99 -7.66 -8.62
N LYS A 39 2.78 -7.09 -8.67
CA LYS A 39 1.76 -7.55 -9.60
C LYS A 39 1.55 -9.06 -9.48
N PRO A 40 0.92 -9.48 -8.37
CA PRO A 40 0.65 -10.90 -8.11
C PRO A 40 -0.43 -11.45 -9.04
N SER A 41 -0.45 -12.78 -9.18
CA SER A 41 -1.42 -13.44 -10.04
C SER A 41 -2.82 -13.35 -9.44
N GLY A 42 -2.90 -13.32 -8.12
CA GLY A 42 -4.18 -13.23 -7.44
C GLY A 42 -4.24 -14.07 -6.19
N PRO A 43 -5.35 -13.97 -5.44
CA PRO A 43 -5.55 -14.72 -4.20
C PRO A 43 -5.75 -16.21 -4.45
N SER A 44 -4.76 -17.01 -4.06
CA SER A 44 -4.84 -18.45 -4.25
C SER A 44 -4.72 -19.19 -2.92
N SER A 45 -5.60 -18.84 -1.98
CA SER A 45 -5.59 -19.46 -0.66
C SER A 45 -7.00 -19.84 -0.23
N GLY A 46 -7.10 -20.84 0.64
CA GLY A 46 -8.39 -21.29 1.11
C GLY A 46 -8.40 -22.76 1.46
ZN ZN B . 4.47 -3.28 6.72
N GLY A 1 -33.78 6.85 -9.80
CA GLY A 1 -32.57 7.21 -9.08
C GLY A 1 -31.52 7.81 -9.98
N SER A 2 -30.46 7.05 -10.26
CA SER A 2 -29.38 7.51 -11.11
C SER A 2 -28.69 8.73 -10.50
N SER A 3 -28.62 8.76 -9.16
CA SER A 3 -27.98 9.85 -8.45
C SER A 3 -26.82 9.36 -7.59
N GLY A 4 -25.63 9.85 -7.88
CA GLY A 4 -24.45 9.44 -7.13
C GLY A 4 -23.27 10.36 -7.36
N SER A 5 -23.08 11.33 -6.47
CA SER A 5 -21.99 12.28 -6.58
C SER A 5 -20.65 11.56 -6.61
N SER A 6 -19.95 11.64 -7.74
CA SER A 6 -18.65 11.00 -7.90
C SER A 6 -17.52 11.96 -7.58
N GLY A 7 -17.58 12.57 -6.40
CA GLY A 7 -16.55 13.51 -6.00
C GLY A 7 -15.67 12.96 -4.90
N THR A 8 -15.61 11.65 -4.78
CA THR A 8 -14.80 10.99 -3.77
C THR A 8 -13.58 10.31 -4.38
N GLY A 9 -12.43 10.98 -4.30
CA GLY A 9 -11.21 10.42 -4.86
C GLY A 9 -10.03 10.56 -3.93
N GLU A 10 -10.24 10.22 -2.65
CA GLU A 10 -9.19 10.31 -1.65
C GLU A 10 -8.43 8.99 -1.53
N LYS A 11 -7.37 8.99 -0.74
CA LYS A 11 -6.56 7.79 -0.53
C LYS A 11 -6.14 7.66 0.93
N LEU A 12 -5.96 6.42 1.37
CA LEU A 12 -5.55 6.16 2.75
C LEU A 12 -4.32 5.26 2.79
N TYR A 13 -3.23 5.80 3.32
CA TYR A 13 -1.97 5.06 3.42
C TYR A 13 -2.02 4.07 4.59
N ASN A 14 -1.81 2.80 4.29
CA ASN A 14 -1.83 1.76 5.31
C ASN A 14 -1.23 0.46 4.77
N CYS A 15 -0.34 -0.13 5.56
CA CYS A 15 0.31 -1.38 5.16
C CYS A 15 -0.63 -2.56 5.34
N LYS A 16 -0.64 -3.46 4.36
CA LYS A 16 -1.50 -4.64 4.40
C LYS A 16 -0.67 -5.91 4.54
N GLU A 17 0.57 -5.86 4.06
CA GLU A 17 1.47 -7.01 4.15
C GLU A 17 1.58 -7.51 5.58
N CYS A 18 2.07 -6.64 6.46
CA CYS A 18 2.24 -6.98 7.87
C CYS A 18 1.05 -6.49 8.70
N GLY A 19 0.40 -5.44 8.22
CA GLY A 19 -0.74 -4.89 8.92
C GLY A 19 -0.33 -3.89 10.00
N LYS A 20 0.27 -2.79 9.58
CA LYS A 20 0.71 -1.76 10.51
C LYS A 20 0.46 -0.37 9.94
N SER A 21 0.50 0.64 10.80
CA SER A 21 0.28 2.02 10.38
C SER A 21 1.33 2.95 10.99
N PHE A 22 2.11 3.59 10.14
CA PHE A 22 3.16 4.50 10.58
C PHE A 22 2.58 5.89 10.83
N SER A 23 3.31 6.69 11.61
CA SER A 23 2.87 8.04 11.93
C SER A 23 3.06 8.97 10.74
N ARG A 24 4.19 8.82 10.06
CA ARG A 24 4.49 9.65 8.90
C ARG A 24 3.99 9.00 7.61
N ALA A 25 3.22 9.75 6.83
CA ALA A 25 2.68 9.25 5.58
C ALA A 25 3.79 8.90 4.60
N PRO A 26 4.67 9.87 4.31
CA PRO A 26 5.79 9.70 3.39
C PRO A 26 6.57 8.41 3.67
N CYS A 27 6.81 8.13 4.95
CA CYS A 27 7.54 6.94 5.35
C CYS A 27 6.70 5.69 5.14
N LEU A 28 5.41 5.80 5.43
CA LEU A 28 4.49 4.67 5.28
C LEU A 28 4.47 4.18 3.84
N LEU A 29 4.26 5.10 2.91
CA LEU A 29 4.21 4.77 1.49
C LEU A 29 5.45 3.99 1.07
N LYS A 30 6.58 4.31 1.71
CA LYS A 30 7.84 3.64 1.42
C LYS A 30 7.90 2.27 2.09
N HIS A 31 7.34 2.18 3.30
CA HIS A 31 7.33 0.94 4.05
C HIS A 31 6.62 -0.16 3.28
N GLU A 32 5.57 0.22 2.56
CA GLU A 32 4.79 -0.74 1.77
C GLU A 32 5.65 -1.37 0.68
N ARG A 33 6.64 -0.61 0.21
CA ARG A 33 7.53 -1.09 -0.84
C ARG A 33 8.67 -1.92 -0.25
N LEU A 34 9.09 -1.57 0.96
CA LEU A 34 10.17 -2.28 1.63
C LEU A 34 9.85 -3.77 1.75
N HIS A 35 8.56 -4.09 1.79
CA HIS A 35 8.12 -5.48 1.90
C HIS A 35 8.43 -6.24 0.60
N SER A 36 9.25 -7.28 0.72
CA SER A 36 9.63 -8.08 -0.43
C SER A 36 9.14 -9.52 -0.28
N GLY A 37 9.78 -10.27 0.62
CA GLY A 37 9.41 -11.65 0.84
C GLY A 37 9.99 -12.21 2.13
N GLU A 38 9.39 -11.83 3.26
CA GLU A 38 9.86 -12.29 4.56
C GLU A 38 8.91 -13.34 5.14
N LYS A 39 9.48 -14.31 5.85
CA LYS A 39 8.69 -15.37 6.46
C LYS A 39 9.11 -15.60 7.91
N PRO A 40 8.19 -16.19 8.70
CA PRO A 40 8.44 -16.47 10.12
C PRO A 40 9.47 -17.58 10.32
N SER A 41 10.75 -17.23 10.19
CA SER A 41 11.83 -18.19 10.34
C SER A 41 13.14 -17.49 10.70
N GLY A 42 14.11 -18.26 11.19
CA GLY A 42 15.39 -17.69 11.56
C GLY A 42 16.16 -18.59 12.51
N PRO A 43 17.44 -18.24 12.75
CA PRO A 43 18.31 -19.00 13.64
C PRO A 43 17.89 -18.88 15.10
N SER A 44 17.59 -20.02 15.73
CA SER A 44 17.18 -20.04 17.12
C SER A 44 18.33 -20.46 18.03
N SER A 45 19.10 -19.48 18.48
CA SER A 45 20.24 -19.75 19.35
C SER A 45 19.82 -19.70 20.82
N GLY A 46 20.68 -20.24 21.69
CA GLY A 46 20.39 -20.24 23.11
C GLY A 46 21.51 -20.82 23.94
ZN ZN B . 4.42 -3.51 6.79
#